data_5MRL
#
_entry.id   5MRL
#
_cell.length_a   131.848
_cell.length_b   223.239
_cell.length_c   86.480
_cell.angle_alpha   90.00
_cell.angle_beta   90.00
_cell.angle_gamma   90.00
#
_symmetry.space_group_name_H-M   'C 2 2 2'
#
loop_
_entity.id
_entity.type
_entity.pdbx_description
1 polymer 'Amine oxidase [flavin-containing] B'
2 non-polymer 'FLAVIN-ADENINE DINUCLEOTIDE'
3 non-polymer (~{E})-~{N}-(furan-2-ylmethyl)-~{N}-methyl-prop-1-en-1-amine
4 water water
#
_entity_poly.entity_id   1
_entity_poly.type   'polypeptide(L)'
_entity_poly.pdbx_seq_one_letter_code
;MSNKCDVVVVGGGISGMAAAKLLHDSGLNVVVLEARDRVGGRTYTLRNQKVKYVDLGGSYVGPTQNRILRLAKELGLETY
KVNEVERLIHHVKGKSYPFRGPFPPVWNPITYLDHNNFWRTMDDMGREIPSDAPWKAPLAEEWDNMTMKELLDKLCWTES
AKQLATLFVNLCVTAETHEVSALWFLWYVKQCGGTTRIISTTNGGQERKFVGGSGQVSERIMDLLGDRVKLERPVIYIDQ
TRENVLVETLNHEMYEAKYVISAIPPTLGMKIHFNPPLPMMRNQMITRVPLGSVIKCIVYYKEPFWRKKDYCGTMIIDGE
EAPVAYTLDDTKPEGNYAAIMGFILAHKARKLARLTKEERLKKLCELYAKVLGSLEALEPVHYEEKNWCEEQYSGGCYTT
YFPPGILTQYGRVLRQPVDRIYFAGTETATHWSGYMEGAVEAGERAAREILHAMGKIPEDEIWQSEPESVDVPAQPITTT
FLERHLPSVPGLLRLIGLTTIFSATALGFLAHKRGLLVRV
;
_entity_poly.pdbx_strand_id   A,B
#
# COMPACT_ATOMS: atom_id res chain seq x y z
N ASN A 3 12.58 -22.93 -23.50
CA ASN A 3 13.84 -22.08 -23.56
C ASN A 3 13.66 -20.83 -24.48
N LYS A 4 13.85 -20.92 -25.80
CA LYS A 4 13.83 -19.69 -26.66
C LYS A 4 12.45 -19.43 -27.27
N CYS A 5 12.04 -18.16 -27.30
CA CYS A 5 10.80 -17.71 -27.94
C CYS A 5 10.91 -16.23 -28.26
N ASP A 6 9.92 -15.69 -28.96
CA ASP A 6 9.82 -14.27 -29.22
C ASP A 6 9.38 -13.46 -27.99
N VAL A 7 8.39 -13.98 -27.26
CA VAL A 7 7.74 -13.28 -26.12
C VAL A 7 7.30 -14.23 -24.99
N VAL A 8 7.80 -13.94 -23.79
CA VAL A 8 7.42 -14.66 -22.62
C VAL A 8 6.32 -13.79 -22.01
N VAL A 9 5.15 -14.40 -21.80
CA VAL A 9 4.02 -13.76 -21.08
C VAL A 9 4.02 -14.29 -19.63
N VAL A 10 4.21 -13.41 -18.67
CA VAL A 10 4.14 -13.77 -17.27
C VAL A 10 2.69 -13.66 -16.76
N GLY A 11 2.08 -14.82 -16.46
CA GLY A 11 0.70 -14.88 -15.95
C GLY A 11 -0.27 -15.42 -16.98
N GLY A 12 -1.09 -16.36 -16.57
CA GLY A 12 -2.03 -16.99 -17.48
C GLY A 12 -3.47 -16.77 -17.07
N GLY A 13 -3.80 -15.53 -16.67
CA GLY A 13 -5.16 -15.11 -16.48
C GLY A 13 -5.71 -14.61 -17.82
N ILE A 14 -6.92 -14.05 -17.79
CA ILE A 14 -7.56 -13.59 -19.01
C ILE A 14 -6.67 -12.65 -19.80
N SER A 15 -6.00 -11.73 -19.11
CA SER A 15 -5.11 -10.77 -19.74
C SER A 15 -3.88 -11.40 -20.44
N GLY A 16 -3.15 -12.22 -19.70
CA GLY A 16 -2.04 -12.95 -20.25
C GLY A 16 -2.45 -13.85 -21.42
N MET A 17 -3.56 -14.56 -21.26
CA MET A 17 -4.03 -15.47 -22.29
C MET A 17 -4.52 -14.72 -23.53
N ALA A 18 -5.20 -13.59 -23.36
CA ALA A 18 -5.53 -12.72 -24.51
C ALA A 18 -4.32 -12.14 -25.27
N ALA A 19 -3.27 -11.76 -24.54
CA ALA A 19 -2.04 -11.25 -25.13
C ALA A 19 -1.36 -12.34 -25.96
N ALA A 20 -1.14 -13.49 -25.33
CA ALA A 20 -0.51 -14.61 -25.96
C ALA A 20 -1.25 -15.01 -27.24
N LYS A 21 -2.58 -15.06 -27.17
CA LYS A 21 -3.40 -15.48 -28.30
C LYS A 21 -3.23 -14.52 -29.48
N LEU A 22 -3.27 -13.24 -29.22
CA LEU A 22 -3.06 -12.25 -30.27
C LEU A 22 -1.67 -12.42 -30.93
N LEU A 23 -0.63 -12.58 -30.09
CA LEU A 23 0.77 -12.68 -30.52
C LEU A 23 0.98 -13.97 -31.35
N HIS A 24 0.37 -15.06 -30.88
CA HIS A 24 0.30 -16.33 -31.58
C HIS A 24 -0.42 -16.20 -32.91
N ASP A 25 -1.58 -15.53 -32.91
CA ASP A 25 -2.37 -15.33 -34.16
C ASP A 25 -1.66 -14.40 -35.21
N SER A 26 -0.62 -13.70 -34.79
CA SER A 26 0.09 -12.83 -35.68
C SER A 26 1.40 -13.51 -36.15
N GLY A 27 1.61 -14.80 -35.83
CA GLY A 27 2.81 -15.55 -36.25
C GLY A 27 3.97 -15.69 -35.27
N LEU A 28 3.97 -14.99 -34.13
CA LEU A 28 5.07 -15.12 -33.18
C LEU A 28 5.00 -16.35 -32.31
N ASN A 29 6.19 -16.73 -31.81
CA ASN A 29 6.37 -17.84 -30.88
C ASN A 29 6.34 -17.28 -29.46
N VAL A 30 5.31 -17.67 -28.72
CA VAL A 30 5.09 -17.20 -27.37
C VAL A 30 5.08 -18.35 -26.39
N VAL A 31 5.49 -18.02 -25.18
CA VAL A 31 5.33 -18.91 -24.03
C VAL A 31 4.58 -18.15 -22.94
N VAL A 32 3.69 -18.86 -22.26
CA VAL A 32 2.96 -18.32 -21.11
C VAL A 32 3.43 -19.04 -19.87
N LEU A 33 3.94 -18.28 -18.91
CA LEU A 33 4.39 -18.88 -17.67
C LEU A 33 3.43 -18.52 -16.54
N GLU A 34 2.84 -19.55 -15.96
CA GLU A 34 1.76 -19.43 -15.01
C GLU A 34 2.20 -20.12 -13.73
N ALA A 35 2.11 -19.39 -12.61
CA ALA A 35 2.49 -19.85 -11.28
C ALA A 35 1.68 -21.07 -10.77
N ARG A 36 0.37 -21.06 -10.96
CA ARG A 36 -0.52 -22.08 -10.43
C ARG A 36 -0.64 -23.32 -11.33
N ASP A 37 -1.29 -24.36 -10.82
CA ASP A 37 -1.55 -25.58 -11.61
C ASP A 37 -2.76 -25.43 -12.54
N ARG A 38 -3.10 -24.20 -12.93
CA ARG A 38 -4.29 -23.89 -13.71
C ARG A 38 -4.14 -22.49 -14.27
N VAL A 39 -4.86 -22.21 -15.36
CA VAL A 39 -4.94 -20.88 -15.94
C VAL A 39 -6.24 -20.19 -15.41
N GLY A 40 -6.46 -18.91 -15.74
CA GLY A 40 -7.68 -18.22 -15.34
C GLY A 40 -7.49 -17.21 -14.21
N GLY A 41 -6.58 -17.50 -13.28
CA GLY A 41 -6.18 -16.48 -12.29
C GLY A 41 -7.32 -16.15 -11.36
N ARG A 42 -7.80 -14.91 -11.46
CA ARG A 42 -8.94 -14.45 -10.63
C ARG A 42 -10.36 -14.85 -11.17
N THR A 43 -10.39 -15.56 -12.29
CA THR A 43 -11.54 -16.34 -12.69
C THR A 43 -11.20 -17.79 -12.37
N TYR A 44 -12.18 -18.50 -11.83
CA TYR A 44 -12.03 -19.90 -11.50
C TYR A 44 -13.41 -20.49 -11.46
N THR A 45 -13.63 -21.48 -12.32
CA THR A 45 -14.89 -22.18 -12.39
C THR A 45 -14.71 -23.55 -11.77
N LEU A 46 -15.43 -23.82 -10.67
CA LEU A 46 -15.40 -25.13 -10.00
C LEU A 46 -16.48 -26.09 -10.58
N ARG A 47 -16.10 -27.33 -10.81
CA ARG A 47 -17.01 -28.38 -11.36
C ARG A 47 -17.06 -29.58 -10.42
N ASN A 48 -18.26 -29.87 -9.90
CA ASN A 48 -18.59 -31.10 -9.17
C ASN A 48 -20.06 -31.45 -9.45
N GLN A 49 -20.52 -32.55 -8.92
CA GLN A 49 -21.89 -33.02 -9.23
C GLN A 49 -22.96 -32.22 -8.49
N LYS A 50 -22.58 -31.62 -7.37
CA LYS A 50 -23.56 -30.84 -6.59
C LYS A 50 -23.87 -29.49 -7.18
N VAL A 51 -22.94 -28.88 -7.89
CA VAL A 51 -23.12 -27.52 -8.47
C VAL A 51 -23.17 -27.46 -10.00
N LYS A 52 -22.75 -28.58 -10.62
CA LYS A 52 -22.37 -28.73 -12.02
C LYS A 52 -21.16 -27.87 -12.39
N TYR A 53 -21.36 -26.56 -12.43
CA TYR A 53 -20.27 -25.59 -12.51
C TYR A 53 -20.65 -24.36 -11.67
N VAL A 54 -19.63 -23.66 -11.17
CA VAL A 54 -19.81 -22.37 -10.48
C VAL A 54 -18.57 -21.47 -10.55
N ASP A 55 -18.81 -20.19 -10.83
CA ASP A 55 -17.79 -19.19 -10.86
C ASP A 55 -17.49 -18.69 -9.44
N LEU A 56 -16.29 -19.01 -8.93
CA LEU A 56 -15.86 -18.54 -7.58
C LEU A 56 -15.08 -17.25 -7.62
N GLY A 57 -14.70 -16.78 -8.82
CA GLY A 57 -14.07 -15.51 -9.02
C GLY A 57 -14.84 -14.68 -10.01
N GLY A 58 -14.15 -14.03 -10.95
CA GLY A 58 -14.87 -13.22 -11.93
C GLY A 58 -15.96 -14.03 -12.65
N SER A 59 -17.07 -13.37 -12.95
CA SER A 59 -18.27 -14.02 -13.45
C SER A 59 -19.13 -13.20 -14.40
N TYR A 60 -19.49 -11.99 -14.00
CA TYR A 60 -20.43 -11.17 -14.73
C TYR A 60 -19.85 -10.37 -15.87
N VAL A 61 -20.61 -10.31 -16.97
CA VAL A 61 -20.30 -9.49 -18.10
C VAL A 61 -21.56 -8.73 -18.48
N GLY A 62 -21.42 -7.66 -19.24
CA GLY A 62 -22.60 -6.91 -19.65
C GLY A 62 -22.34 -5.97 -20.81
N PRO A 63 -23.37 -5.18 -21.17
CA PRO A 63 -23.24 -4.19 -22.20
C PRO A 63 -22.11 -3.21 -22.01
N THR A 64 -21.48 -2.88 -23.16
CA THR A 64 -20.29 -2.06 -23.32
C THR A 64 -18.97 -2.84 -23.12
N GLN A 65 -19.02 -4.08 -22.67
CA GLN A 65 -17.81 -4.85 -22.44
C GLN A 65 -17.59 -5.70 -23.68
N ASN A 66 -17.28 -5.05 -24.77
CA ASN A 66 -17.34 -5.68 -26.07
C ASN A 66 -16.16 -6.59 -26.39
N ARG A 67 -15.00 -6.34 -25.75
CA ARG A 67 -13.80 -7.13 -25.98
C ARG A 67 -13.92 -8.52 -25.38
N ILE A 68 -14.31 -8.62 -24.11
CA ILE A 68 -14.53 -9.92 -23.51
C ILE A 68 -15.68 -10.68 -24.21
N LEU A 69 -16.73 -9.99 -24.65
CA LEU A 69 -17.79 -10.62 -25.46
C LEU A 69 -17.34 -11.15 -26.81
N ARG A 70 -16.50 -10.39 -27.52
CA ARG A 70 -15.93 -10.90 -28.76
C ARG A 70 -14.97 -12.11 -28.46
N LEU A 71 -14.14 -12.04 -27.41
CA LEU A 71 -13.17 -13.11 -27.20
C LEU A 71 -13.87 -14.43 -26.90
N ALA A 72 -14.77 -14.39 -25.89
CA ALA A 72 -15.61 -15.52 -25.53
C ALA A 72 -16.45 -16.09 -26.71
N LYS A 73 -17.04 -15.22 -27.51
CA LYS A 73 -17.80 -15.67 -28.68
C LYS A 73 -16.90 -16.38 -29.73
N GLU A 74 -15.75 -15.82 -30.03
CA GLU A 74 -14.75 -16.47 -30.89
C GLU A 74 -14.28 -17.86 -30.36
N LEU A 75 -14.28 -18.01 -29.03
CA LEU A 75 -13.96 -19.27 -28.41
C LEU A 75 -15.14 -20.21 -28.26
N GLY A 76 -16.29 -19.89 -28.84
CA GLY A 76 -17.48 -20.74 -28.77
C GLY A 76 -18.38 -20.63 -27.54
N LEU A 77 -18.24 -19.57 -26.76
CA LEU A 77 -19.00 -19.44 -25.52
C LEU A 77 -20.31 -18.64 -25.71
N GLU A 78 -21.28 -18.94 -24.85
CA GLU A 78 -22.55 -18.24 -24.81
C GLU A 78 -22.68 -17.56 -23.48
N THR A 79 -23.51 -16.51 -23.44
CA THR A 79 -23.93 -15.85 -22.20
C THR A 79 -25.40 -16.19 -21.92
N TYR A 80 -25.81 -16.00 -20.68
CA TYR A 80 -27.25 -15.97 -20.31
C TYR A 80 -27.54 -14.82 -19.31
N LYS A 81 -28.81 -14.46 -19.19
CA LYS A 81 -29.21 -13.30 -18.41
C LYS A 81 -29.36 -13.63 -16.94
N VAL A 82 -28.71 -12.84 -16.09
CA VAL A 82 -28.92 -13.00 -14.65
C VAL A 82 -30.43 -12.68 -14.36
N ASN A 83 -31.06 -13.51 -13.52
CA ASN A 83 -32.45 -13.27 -13.11
C ASN A 83 -32.71 -11.92 -12.43
N GLU A 84 -33.44 -11.05 -13.13
CA GLU A 84 -33.99 -9.79 -12.56
C GLU A 84 -35.48 -9.59 -12.93
N VAL A 85 -36.22 -10.67 -13.15
CA VAL A 85 -37.61 -10.59 -13.49
C VAL A 85 -38.43 -10.03 -12.29
N GLU A 86 -38.27 -10.61 -11.13
CA GLU A 86 -39.05 -10.22 -9.96
C GLU A 86 -38.41 -9.02 -9.18
N ARG A 87 -38.80 -8.78 -7.93
CA ARG A 87 -38.39 -7.55 -7.23
C ARG A 87 -37.04 -7.68 -6.57
N LEU A 88 -36.29 -6.57 -6.57
CA LEU A 88 -35.07 -6.43 -5.81
C LEU A 88 -35.50 -6.09 -4.39
N ILE A 89 -34.62 -6.33 -3.43
CA ILE A 89 -34.85 -5.95 -2.03
C ILE A 89 -33.75 -5.02 -1.54
N HIS A 90 -34.16 -3.98 -0.84
CA HIS A 90 -33.24 -3.12 -0.13
C HIS A 90 -33.54 -3.36 1.34
N HIS A 91 -32.60 -3.94 2.06
CA HIS A 91 -32.78 -4.18 3.49
C HIS A 91 -32.01 -3.12 4.25
N VAL A 92 -32.73 -2.32 4.99
CA VAL A 92 -32.15 -1.22 5.76
C VAL A 92 -32.86 -1.13 7.16
N LYS A 93 -32.04 -1.11 8.23
CA LYS A 93 -32.49 -1.04 9.65
C LYS A 93 -33.38 -2.22 10.08
N GLY A 94 -32.97 -3.41 9.72
CA GLY A 94 -33.74 -4.60 10.00
C GLY A 94 -35.02 -4.86 9.20
N LYS A 95 -35.32 -4.06 8.15
CA LYS A 95 -36.56 -4.26 7.34
C LYS A 95 -36.31 -4.28 5.85
N SER A 96 -37.08 -5.07 5.14
CA SER A 96 -36.93 -5.23 3.70
C SER A 96 -37.94 -4.37 2.96
N TYR A 97 -37.50 -3.68 1.91
CA TYR A 97 -38.31 -2.73 1.10
C TYR A 97 -38.17 -3.18 -0.37
N PRO A 98 -39.15 -3.95 -0.85
CA PRO A 98 -39.04 -4.46 -2.23
C PRO A 98 -39.13 -3.32 -3.21
N PHE A 99 -38.45 -3.43 -4.34
CA PHE A 99 -38.53 -2.39 -5.37
C PHE A 99 -38.18 -2.92 -6.75
N ARG A 100 -38.42 -2.08 -7.75
CA ARG A 100 -37.95 -2.30 -9.14
C ARG A 100 -37.11 -1.12 -9.65
N GLY A 101 -36.31 -1.38 -10.67
CA GLY A 101 -35.43 -0.40 -11.28
C GLY A 101 -34.06 -0.58 -10.65
N PRO A 102 -33.05 0.10 -11.19
CA PRO A 102 -31.69 -0.08 -10.67
C PRO A 102 -31.45 0.50 -9.26
N PHE A 103 -32.06 1.64 -8.98
CA PHE A 103 -31.79 2.35 -7.75
C PHE A 103 -32.91 2.11 -6.72
N PRO A 104 -32.52 1.80 -5.45
CA PRO A 104 -33.52 1.76 -4.39
C PRO A 104 -34.17 3.13 -4.23
N PRO A 105 -35.49 3.20 -4.30
CA PRO A 105 -36.16 4.49 -4.27
C PRO A 105 -36.17 5.15 -2.85
N VAL A 106 -36.64 6.39 -2.79
CA VAL A 106 -36.51 7.24 -1.60
C VAL A 106 -37.76 8.08 -1.57
N TRP A 107 -38.49 8.08 -0.46
CA TRP A 107 -39.75 8.83 -0.37
C TRP A 107 -39.67 10.22 0.28
N ASN A 108 -38.85 10.32 1.33
CA ASN A 108 -38.64 11.60 1.99
C ASN A 108 -37.96 12.56 0.99
N PRO A 109 -38.59 13.71 0.68
CA PRO A 109 -38.07 14.61 -0.35
C PRO A 109 -36.68 15.18 -0.08
N ILE A 110 -36.36 15.41 1.18
CA ILE A 110 -35.04 15.91 1.54
C ILE A 110 -34.03 14.83 1.17
N THR A 111 -34.28 13.63 1.70
CA THR A 111 -33.49 12.46 1.39
C THR A 111 -33.44 12.20 -0.10
N TYR A 112 -34.53 12.47 -0.84
CA TYR A 112 -34.58 12.23 -2.28
C TYR A 112 -33.58 13.16 -2.96
N LEU A 113 -33.56 14.42 -2.55
CA LEU A 113 -32.62 15.41 -3.08
C LEU A 113 -31.16 14.99 -2.86
N ASP A 114 -30.87 14.44 -1.69
CA ASP A 114 -29.51 14.09 -1.30
C ASP A 114 -29.04 12.87 -2.10
N HIS A 115 -29.91 11.87 -2.22
CA HIS A 115 -29.66 10.68 -3.05
C HIS A 115 -29.42 11.06 -4.54
N ASN A 116 -30.30 11.85 -5.10
CA ASN A 116 -30.16 12.26 -6.51
C ASN A 116 -28.84 13.00 -6.78
N ASN A 117 -28.48 13.88 -5.84
CA ASN A 117 -27.29 14.71 -5.91
C ASN A 117 -26.00 13.92 -5.77
N PHE A 118 -25.98 12.96 -4.85
CA PHE A 118 -24.83 12.09 -4.65
C PHE A 118 -24.44 11.37 -5.98
N TRP A 119 -25.34 10.59 -6.54
CA TRP A 119 -25.05 9.86 -7.77
C TRP A 119 -24.65 10.83 -8.92
N ARG A 120 -25.34 11.96 -8.98
CA ARG A 120 -25.14 12.98 -10.01
C ARG A 120 -23.78 13.61 -9.89
N THR A 121 -23.32 13.83 -8.67
CA THR A 121 -22.01 14.43 -8.45
C THR A 121 -20.90 13.42 -8.71
N MET A 122 -21.08 12.15 -8.33
CA MET A 122 -20.18 11.07 -8.78
C MET A 122 -19.95 11.13 -10.29
N ASP A 123 -21.02 11.19 -11.08
CA ASP A 123 -20.85 11.22 -12.53
C ASP A 123 -20.30 12.57 -13.00
N ASP A 124 -20.69 13.66 -12.36
CA ASP A 124 -20.16 15.01 -12.67
C ASP A 124 -18.65 15.12 -12.47
N MET A 125 -18.18 14.68 -11.30
CA MET A 125 -16.75 14.67 -11.02
C MET A 125 -16.04 13.74 -12.03
N GLY A 126 -16.68 12.64 -12.37
CA GLY A 126 -16.18 11.68 -13.34
C GLY A 126 -15.80 12.26 -14.68
N ARG A 127 -16.68 13.11 -15.21
CA ARG A 127 -16.39 13.82 -16.49
C ARG A 127 -15.19 14.74 -16.49
N GLU A 128 -14.74 15.15 -15.33
CA GLU A 128 -13.52 15.91 -15.22
C GLU A 128 -12.22 15.09 -15.40
N ILE A 129 -12.32 13.77 -15.40
CA ILE A 129 -11.20 12.85 -15.17
C ILE A 129 -10.97 12.03 -16.43
N PRO A 130 -9.86 12.26 -17.13
CA PRO A 130 -9.65 11.45 -18.33
C PRO A 130 -9.43 9.97 -18.01
N SER A 131 -10.10 9.09 -18.73
CA SER A 131 -9.95 7.63 -18.60
C SER A 131 -8.51 7.10 -18.68
N ASP A 132 -7.74 7.69 -19.60
CA ASP A 132 -6.41 7.21 -19.88
C ASP A 132 -5.37 7.94 -19.05
N ALA A 133 -5.78 8.98 -18.31
CA ALA A 133 -4.83 9.76 -17.53
C ALA A 133 -5.56 10.47 -16.39
N PRO A 134 -5.97 9.71 -15.38
CA PRO A 134 -6.77 10.34 -14.33
C PRO A 134 -6.08 11.47 -13.59
N TRP A 135 -4.77 11.38 -13.45
CA TRP A 135 -3.94 12.40 -12.78
C TRP A 135 -3.90 13.75 -13.54
N LYS A 136 -4.55 13.82 -14.71
CA LYS A 136 -4.70 15.08 -15.48
C LYS A 136 -5.96 15.86 -15.18
N ALA A 137 -6.86 15.31 -14.39
CA ALA A 137 -8.07 16.05 -13.95
C ALA A 137 -7.65 17.41 -13.39
N PRO A 138 -8.44 18.45 -13.66
CA PRO A 138 -7.99 19.76 -13.14
C PRO A 138 -7.73 19.81 -11.62
N LEU A 139 -8.53 19.05 -10.86
CA LEU A 139 -8.41 18.99 -9.41
C LEU A 139 -7.84 17.65 -8.96
N ALA A 140 -6.96 17.03 -9.74
CA ALA A 140 -6.46 15.71 -9.43
C ALA A 140 -5.90 15.67 -8.03
N GLU A 141 -5.00 16.59 -7.75
CA GLU A 141 -4.29 16.66 -6.50
C GLU A 141 -5.28 16.71 -5.32
N GLU A 142 -6.19 17.69 -5.36
CA GLU A 142 -7.17 17.89 -4.26
C GLU A 142 -8.00 16.61 -4.02
N TRP A 143 -8.48 15.99 -5.10
CA TRP A 143 -9.27 14.78 -4.99
C TRP A 143 -8.50 13.56 -4.56
N ASP A 144 -7.25 13.45 -5.03
CA ASP A 144 -6.38 12.36 -4.65
C ASP A 144 -5.90 12.42 -3.20
N ASN A 145 -5.94 13.58 -2.57
CA ASN A 145 -5.46 13.70 -1.18
C ASN A 145 -6.56 13.55 -0.15
N MET A 146 -7.64 12.91 -0.56
CA MET A 146 -8.88 12.82 0.14
C MET A 146 -9.24 11.37 0.00
N THR A 147 -9.78 10.78 1.06
CA THR A 147 -10.36 9.46 0.94
C THR A 147 -11.81 9.56 0.48
N MET A 148 -12.37 8.43 0.04
CA MET A 148 -13.78 8.41 -0.28
C MET A 148 -14.61 8.70 0.95
N LYS A 149 -14.13 8.37 2.15
CA LYS A 149 -14.89 8.72 3.36
C LYS A 149 -15.03 10.22 3.59
N GLU A 150 -13.96 10.98 3.33
CA GLU A 150 -14.00 12.41 3.41
C GLU A 150 -14.95 12.97 2.35
N LEU A 151 -14.86 12.47 1.12
CA LEU A 151 -15.79 12.94 0.10
C LEU A 151 -17.26 12.74 0.44
N LEU A 152 -17.63 11.57 0.94
CA LEU A 152 -19.00 11.31 1.35
C LEU A 152 -19.49 12.13 2.55
N ASP A 153 -18.62 12.32 3.54
CA ASP A 153 -18.86 13.25 4.64
C ASP A 153 -19.18 14.70 4.15
N LYS A 154 -18.56 15.15 3.05
CA LYS A 154 -18.91 16.46 2.48
C LYS A 154 -20.24 16.50 1.69
N LEU A 155 -20.53 15.42 0.98
CA LEU A 155 -21.55 15.42 -0.04
C LEU A 155 -22.90 15.07 0.49
N CYS A 156 -22.95 14.07 1.35
CA CYS A 156 -24.18 13.47 1.81
C CYS A 156 -24.61 14.18 3.07
N TRP A 157 -25.72 14.90 2.98
CA TRP A 157 -26.36 15.60 4.09
C TRP A 157 -27.34 14.71 4.84
N THR A 158 -27.51 13.47 4.41
CA THR A 158 -28.33 12.51 5.11
C THR A 158 -27.51 11.26 5.36
N GLU A 159 -27.83 10.62 6.47
CA GLU A 159 -27.20 9.38 6.82
C GLU A 159 -27.62 8.27 5.86
N SER A 160 -28.83 8.38 5.34
CA SER A 160 -29.38 7.41 4.43
C SER A 160 -28.55 7.35 3.14
N ALA A 161 -28.25 8.52 2.57
CA ALA A 161 -27.43 8.59 1.38
C ALA A 161 -25.97 8.16 1.70
N LYS A 162 -25.45 8.58 2.84
CA LYS A 162 -24.08 8.21 3.22
C LYS A 162 -23.91 6.70 3.43
N GLN A 163 -24.89 6.06 4.07
CA GLN A 163 -24.88 4.61 4.25
C GLN A 163 -25.06 3.88 2.90
N LEU A 164 -25.88 4.40 1.99
CA LEU A 164 -25.98 3.78 0.70
C LEU A 164 -24.67 3.94 -0.16
N ALA A 165 -24.08 5.13 -0.11
CA ALA A 165 -22.83 5.42 -0.81
C ALA A 165 -21.65 4.54 -0.31
N THR A 166 -21.61 4.31 0.98
CA THR A 166 -20.57 3.49 1.63
C THR A 166 -20.65 2.06 1.16
N LEU A 167 -21.85 1.53 1.23
CA LEU A 167 -22.14 0.23 0.68
C LEU A 167 -21.76 0.14 -0.81
N PHE A 168 -22.08 1.17 -1.59
CA PHE A 168 -21.67 1.25 -3.03
C PHE A 168 -20.15 1.17 -3.25
N VAL A 169 -19.37 1.92 -2.48
CA VAL A 169 -17.89 1.79 -2.53
C VAL A 169 -17.38 0.37 -2.16
N ASN A 170 -17.81 -0.13 -0.99
CA ASN A 170 -17.43 -1.43 -0.52
C ASN A 170 -17.65 -2.47 -1.60
N LEU A 171 -18.83 -2.43 -2.23
CA LEU A 171 -19.22 -3.42 -3.20
C LEU A 171 -18.47 -3.29 -4.53
N CYS A 172 -18.29 -2.09 -5.06
CA CYS A 172 -17.50 -1.87 -6.28
C CYS A 172 -16.03 -2.23 -6.19
N VAL A 173 -15.36 -1.91 -5.06
CA VAL A 173 -13.88 -2.00 -4.94
C VAL A 173 -13.38 -2.82 -3.72
N THR A 174 -14.28 -3.50 -3.03
CA THR A 174 -13.94 -4.41 -1.92
C THR A 174 -12.98 -3.78 -0.92
N ALA A 175 -13.27 -2.54 -0.61
CA ALA A 175 -12.41 -1.74 0.23
C ALA A 175 -13.29 -0.75 0.97
N GLU A 176 -12.79 -0.30 2.12
CA GLU A 176 -13.54 0.65 2.95
C GLU A 176 -13.42 2.01 2.31
N THR A 177 -14.37 2.90 2.58
CA THR A 177 -14.31 4.28 2.10
C THR A 177 -13.07 5.04 2.56
N HIS A 178 -12.64 4.81 3.80
CA HIS A 178 -11.42 5.40 4.33
C HIS A 178 -10.11 4.86 3.79
N GLU A 179 -10.13 3.73 3.07
CA GLU A 179 -8.92 3.14 2.45
C GLU A 179 -8.57 3.71 1.09
N VAL A 180 -9.57 4.16 0.35
CA VAL A 180 -9.36 4.47 -1.05
C VAL A 180 -9.32 5.99 -1.37
N SER A 181 -8.45 6.37 -2.31
CA SER A 181 -8.45 7.72 -2.87
C SER A 181 -9.81 8.07 -3.52
N ALA A 182 -10.28 9.32 -3.33
CA ALA A 182 -11.48 9.78 -3.97
C ALA A 182 -11.24 9.90 -5.48
N LEU A 183 -10.06 10.36 -5.89
CA LEU A 183 -9.76 10.49 -7.33
C LEU A 183 -9.80 9.16 -8.04
N TRP A 184 -9.13 8.17 -7.44
CA TRP A 184 -9.09 6.84 -8.00
C TRP A 184 -10.47 6.23 -8.10
N PHE A 185 -11.27 6.37 -7.06
CA PHE A 185 -12.59 5.76 -7.06
C PHE A 185 -13.55 6.40 -8.08
N LEU A 186 -13.54 7.72 -8.16
CA LEU A 186 -14.26 8.45 -9.19
C LEU A 186 -13.79 8.07 -10.59
N TRP A 187 -12.48 7.86 -10.77
CA TRP A 187 -11.98 7.39 -12.04
C TRP A 187 -12.56 5.98 -12.37
N TYR A 188 -12.49 5.08 -11.37
CA TYR A 188 -12.82 3.69 -11.56
C TYR A 188 -14.29 3.59 -12.01
N VAL A 189 -15.17 4.37 -11.38
CA VAL A 189 -16.54 4.38 -11.75
C VAL A 189 -16.76 5.00 -13.14
N LYS A 190 -16.14 6.12 -13.40
CA LYS A 190 -16.25 6.73 -14.74
C LYS A 190 -15.75 5.82 -15.90
N GLN A 191 -14.58 5.20 -15.74
CA GLN A 191 -14.02 4.36 -16.78
C GLN A 191 -14.81 3.05 -17.00
N CYS A 192 -15.72 2.71 -16.08
CA CYS A 192 -16.75 1.73 -16.36
C CYS A 192 -18.02 2.29 -17.02
N GLY A 193 -18.06 3.56 -17.46
CA GLY A 193 -19.28 4.15 -17.98
C GLY A 193 -20.27 4.86 -17.03
N GLY A 194 -19.95 4.97 -15.73
CA GLY A 194 -20.78 5.73 -14.78
C GLY A 194 -21.56 4.89 -13.76
N THR A 195 -22.19 5.61 -12.82
CA THR A 195 -22.81 5.00 -11.67
C THR A 195 -23.84 3.97 -12.13
N THR A 196 -24.72 4.36 -13.02
CA THR A 196 -25.77 3.49 -13.48
C THR A 196 -25.28 2.22 -14.18
N ARG A 197 -24.37 2.41 -15.13
CA ARG A 197 -23.78 1.28 -15.80
C ARG A 197 -23.13 0.30 -14.84
N ILE A 198 -22.47 0.82 -13.81
CA ILE A 198 -21.68 -0.04 -12.92
C ILE A 198 -22.57 -0.85 -11.97
N ILE A 199 -23.61 -0.23 -11.42
CA ILE A 199 -24.48 -0.92 -10.48
C ILE A 199 -25.55 -1.83 -11.08
N SER A 200 -25.84 -1.77 -12.37
CA SER A 200 -27.05 -2.41 -12.86
C SER A 200 -26.80 -3.84 -13.29
N THR A 201 -27.86 -4.63 -13.19
CA THR A 201 -27.91 -5.96 -13.77
C THR A 201 -28.41 -5.74 -15.21
N THR A 202 -29.71 -5.47 -15.36
CA THR A 202 -30.26 -5.14 -16.67
C THR A 202 -29.60 -3.83 -17.15
N ASN A 203 -29.02 -3.91 -18.35
CA ASN A 203 -28.26 -2.83 -18.95
C ASN A 203 -26.94 -2.36 -18.26
N GLY A 204 -26.39 -3.19 -17.40
CA GLY A 204 -25.17 -2.89 -16.68
C GLY A 204 -24.24 -4.07 -16.60
N GLY A 205 -23.24 -3.89 -15.74
CA GLY A 205 -22.14 -4.83 -15.51
C GLY A 205 -22.51 -6.23 -15.12
N GLN A 206 -23.66 -6.39 -14.47
CA GLN A 206 -24.09 -7.70 -13.95
C GLN A 206 -25.18 -8.39 -14.80
N GLU A 207 -25.35 -7.96 -16.07
CA GLU A 207 -26.46 -8.44 -16.89
C GLU A 207 -26.35 -9.91 -17.15
N ARG A 208 -25.13 -10.39 -17.38
CA ARG A 208 -24.90 -11.75 -17.84
C ARG A 208 -23.75 -12.56 -17.21
N LYS A 209 -23.80 -13.86 -17.44
CA LYS A 209 -22.76 -14.80 -17.11
C LYS A 209 -22.50 -15.69 -18.30
N PHE A 210 -21.39 -16.40 -18.26
CA PHE A 210 -21.12 -17.41 -19.30
C PHE A 210 -21.71 -18.78 -18.94
N VAL A 211 -22.43 -19.33 -19.92
CA VAL A 211 -22.81 -20.74 -19.88
C VAL A 211 -21.56 -21.64 -19.72
N GLY A 212 -21.54 -22.36 -18.60
CA GLY A 212 -20.40 -23.26 -18.24
C GLY A 212 -19.32 -22.58 -17.41
N GLY A 213 -19.41 -21.25 -17.24
CA GLY A 213 -18.43 -20.48 -16.44
C GLY A 213 -17.35 -19.74 -17.21
N SER A 214 -16.86 -18.68 -16.59
CA SER A 214 -15.85 -17.82 -17.20
C SER A 214 -14.43 -18.43 -17.26
N GLY A 215 -14.14 -19.39 -16.39
CA GLY A 215 -12.95 -20.22 -16.51
C GLY A 215 -12.64 -20.82 -17.88
N GLN A 216 -13.68 -21.04 -18.69
CA GLN A 216 -13.52 -21.59 -20.03
C GLN A 216 -12.79 -20.65 -20.98
N VAL A 217 -12.85 -19.36 -20.70
CA VAL A 217 -12.11 -18.38 -21.55
C VAL A 217 -10.60 -18.68 -21.54
N SER A 218 -10.05 -18.89 -20.36
CA SER A 218 -8.65 -19.13 -20.21
C SER A 218 -8.28 -20.53 -20.64
N GLU A 219 -9.11 -21.50 -20.25
CA GLU A 219 -8.93 -22.91 -20.64
C GLU A 219 -8.91 -23.10 -22.19
N ARG A 220 -9.84 -22.45 -22.90
CA ARG A 220 -9.90 -22.56 -24.37
C ARG A 220 -8.71 -21.95 -25.05
N ILE A 221 -8.25 -20.79 -24.57
CA ILE A 221 -7.02 -20.20 -25.12
C ILE A 221 -5.84 -21.16 -24.89
N MET A 222 -5.73 -21.74 -23.68
CA MET A 222 -4.75 -22.75 -23.40
C MET A 222 -4.82 -23.94 -24.39
N ASP A 223 -6.04 -24.35 -24.78
CA ASP A 223 -6.23 -25.41 -25.81
C ASP A 223 -5.69 -25.08 -27.21
N LEU A 224 -5.97 -23.86 -27.67
CA LEU A 224 -5.38 -23.31 -28.88
C LEU A 224 -3.86 -23.23 -28.85
N LEU A 225 -3.28 -22.99 -27.67
CA LEU A 225 -1.85 -22.75 -27.53
C LEU A 225 -1.05 -24.07 -27.31
N GLY A 226 -1.72 -25.16 -26.91
CA GLY A 226 -1.05 -26.43 -26.60
C GLY A 226 0.02 -26.24 -25.53
N ASP A 227 1.20 -26.85 -25.79
CA ASP A 227 2.32 -26.88 -24.85
C ASP A 227 3.01 -25.50 -24.59
N ARG A 228 2.62 -24.45 -25.31
CA ARG A 228 3.18 -23.12 -25.06
C ARG A 228 2.88 -22.55 -23.63
N VAL A 229 1.90 -23.12 -22.93
CA VAL A 229 1.54 -22.74 -21.57
C VAL A 229 2.16 -23.64 -20.52
N LYS A 230 2.92 -23.02 -19.62
CA LYS A 230 3.67 -23.74 -18.61
C LYS A 230 3.04 -23.45 -17.27
N LEU A 231 2.34 -24.45 -16.77
CA LEU A 231 1.76 -24.42 -15.46
C LEU A 231 2.78 -24.71 -14.39
N GLU A 232 2.52 -24.21 -13.18
CA GLU A 232 3.46 -24.35 -12.05
C GLU A 232 4.87 -23.85 -12.42
N ARG A 233 4.95 -22.72 -13.13
CA ARG A 233 6.19 -21.97 -13.40
C ARG A 233 6.06 -20.56 -12.85
N PRO A 234 6.14 -20.38 -11.51
CA PRO A 234 6.19 -19.00 -10.96
C PRO A 234 7.48 -18.32 -11.36
N VAL A 235 7.39 -17.13 -11.96
CA VAL A 235 8.55 -16.34 -12.31
C VAL A 235 9.15 -15.65 -11.07
N ILE A 236 10.46 -15.84 -10.90
CA ILE A 236 11.24 -15.27 -9.75
C ILE A 236 12.26 -14.18 -10.15
N TYR A 237 12.55 -14.03 -11.45
CA TYR A 237 13.72 -13.30 -11.88
C TYR A 237 13.63 -13.00 -13.37
N ILE A 238 13.84 -11.72 -13.68
CA ILE A 238 13.87 -11.22 -15.03
C ILE A 238 15.14 -10.39 -15.15
N ASP A 239 15.92 -10.76 -16.16
CA ASP A 239 17.22 -10.18 -16.47
C ASP A 239 17.14 -9.56 -17.86
N GLN A 240 17.31 -8.23 -17.88
CA GLN A 240 17.41 -7.47 -19.10
C GLN A 240 18.84 -6.89 -19.41
N THR A 241 19.89 -7.29 -18.70
CA THR A 241 21.23 -6.72 -18.99
C THR A 241 21.84 -7.21 -20.33
N ARG A 242 21.53 -8.43 -20.76
CA ARG A 242 21.99 -8.97 -22.05
C ARG A 242 21.04 -8.64 -23.23
N GLU A 243 21.45 -9.06 -24.43
CA GLU A 243 20.71 -8.82 -25.69
C GLU A 243 19.32 -9.49 -25.78
N ASN A 244 19.24 -10.77 -25.45
CA ASN A 244 17.95 -11.45 -25.21
C ASN A 244 17.61 -11.32 -23.72
N VAL A 245 16.30 -11.17 -23.44
CA VAL A 245 15.74 -11.09 -22.07
C VAL A 245 15.63 -12.49 -21.49
N LEU A 246 16.09 -12.61 -20.23
CA LEU A 246 16.19 -13.87 -19.54
C LEU A 246 15.19 -13.88 -18.40
N VAL A 247 14.30 -14.89 -18.43
CA VAL A 247 13.23 -15.03 -17.47
C VAL A 247 13.35 -16.39 -16.78
N GLU A 248 13.48 -16.39 -15.47
CA GLU A 248 13.71 -17.60 -14.70
C GLU A 248 12.54 -17.97 -13.78
N THR A 249 12.25 -19.27 -13.68
CA THR A 249 11.16 -19.75 -12.83
C THR A 249 11.67 -20.36 -11.54
N LEU A 250 10.76 -20.45 -10.59
CA LEU A 250 11.03 -21.05 -9.28
C LEU A 250 11.48 -22.54 -9.33
N ASN A 251 11.06 -23.27 -10.35
CA ASN A 251 11.45 -24.70 -10.52
C ASN A 251 12.71 -24.82 -11.38
N HIS A 252 13.47 -23.74 -11.49
CA HIS A 252 14.80 -23.68 -12.10
C HIS A 252 14.90 -23.64 -13.64
N GLU A 253 13.78 -23.47 -14.35
CA GLU A 253 13.83 -23.31 -15.78
C GLU A 253 14.15 -21.88 -16.14
N MET A 254 14.71 -21.71 -17.33
CA MET A 254 15.16 -20.44 -17.85
C MET A 254 14.49 -20.30 -19.19
N TYR A 255 13.91 -19.13 -19.48
CA TYR A 255 13.30 -18.81 -20.76
C TYR A 255 13.98 -17.56 -21.26
N GLU A 256 14.14 -17.49 -22.56
CA GLU A 256 14.86 -16.43 -23.24
C GLU A 256 13.93 -15.83 -24.32
N ALA A 257 13.85 -14.51 -24.39
CA ALA A 257 12.93 -13.88 -25.31
C ALA A 257 13.36 -12.49 -25.74
N LYS A 258 12.75 -11.98 -26.79
CA LYS A 258 13.00 -10.59 -27.17
C LYS A 258 12.26 -9.59 -26.25
N TYR A 259 11.04 -9.95 -25.84
CA TYR A 259 10.17 -9.09 -25.03
C TYR A 259 9.41 -9.91 -23.99
N VAL A 260 8.99 -9.23 -22.93
CA VAL A 260 8.17 -9.81 -21.87
C VAL A 260 6.92 -8.94 -21.66
N ILE A 261 5.75 -9.60 -21.60
CA ILE A 261 4.55 -8.99 -21.06
C ILE A 261 4.38 -9.49 -19.61
N SER A 262 4.34 -8.54 -18.69
CA SER A 262 3.95 -8.82 -17.33
C SER A 262 2.41 -8.67 -17.24
N ALA A 263 1.72 -9.79 -17.04
CA ALA A 263 0.25 -9.81 -16.99
C ALA A 263 -0.26 -10.27 -15.58
N ILE A 264 0.36 -9.72 -14.56
CA ILE A 264 0.08 -10.01 -13.17
C ILE A 264 -0.36 -8.70 -12.48
N PRO A 265 -1.11 -8.79 -11.39
CA PRO A 265 -1.41 -7.59 -10.61
C PRO A 265 -0.14 -6.81 -10.27
N PRO A 266 -0.17 -5.48 -10.37
CA PRO A 266 1.04 -4.68 -10.20
C PRO A 266 1.83 -5.04 -8.95
N THR A 267 1.17 -5.22 -7.82
CA THR A 267 1.91 -5.48 -6.63
C THR A 267 2.58 -6.85 -6.68
N LEU A 268 2.04 -7.83 -7.41
CA LEU A 268 2.71 -9.13 -7.52
C LEU A 268 4.00 -9.10 -8.36
N GLY A 269 4.20 -8.02 -9.12
CA GLY A 269 5.54 -7.65 -9.57
C GLY A 269 6.65 -7.67 -8.51
N MET A 270 6.29 -7.53 -7.22
CA MET A 270 7.21 -7.67 -6.10
C MET A 270 7.83 -9.05 -5.99
N LYS A 271 7.19 -10.07 -6.57
CA LYS A 271 7.67 -11.43 -6.37
C LYS A 271 8.79 -11.76 -7.31
N ILE A 272 9.10 -10.84 -8.22
CA ILE A 272 10.13 -10.99 -9.21
C ILE A 272 11.27 -10.07 -8.78
N HIS A 273 12.48 -10.63 -8.83
CA HIS A 273 13.74 -9.95 -8.64
C HIS A 273 14.16 -9.49 -9.99
N PHE A 274 14.53 -8.21 -10.08
CA PHE A 274 14.83 -7.61 -11.38
C PHE A 274 16.30 -7.23 -11.45
N ASN A 275 16.89 -7.52 -12.62
CA ASN A 275 18.22 -7.06 -12.99
C ASN A 275 18.14 -6.49 -14.42
N PRO A 276 18.42 -5.19 -14.63
CA PRO A 276 18.88 -4.28 -13.58
C PRO A 276 17.67 -3.96 -12.69
N PRO A 277 17.88 -3.28 -11.55
CA PRO A 277 16.73 -2.93 -10.74
C PRO A 277 15.67 -2.08 -11.50
N LEU A 278 14.41 -2.21 -11.08
CA LEU A 278 13.37 -1.35 -11.68
C LEU A 278 13.68 0.10 -11.44
N PRO A 279 13.29 0.99 -12.38
CA PRO A 279 13.42 2.42 -12.04
C PRO A 279 12.62 2.78 -10.78
N MET A 280 13.07 3.85 -10.14
CA MET A 280 12.57 4.29 -8.86
C MET A 280 11.04 4.36 -8.73
N MET A 281 10.39 4.98 -9.70
CA MET A 281 8.96 5.16 -9.66
C MET A 281 8.23 3.81 -9.70
N ARG A 282 8.55 2.89 -10.59
CA ARG A 282 7.92 1.57 -10.51
C ARG A 282 8.31 0.81 -9.26
N ASN A 283 9.56 0.89 -8.87
CA ASN A 283 10.02 0.21 -7.65
C ASN A 283 9.13 0.55 -6.44
N GLN A 284 8.79 1.81 -6.27
CA GLN A 284 7.93 2.19 -5.14
C GLN A 284 6.43 1.98 -5.41
N MET A 285 5.98 2.20 -6.64
CA MET A 285 4.55 2.04 -7.01
C MET A 285 4.04 0.63 -6.61
N ILE A 286 4.83 -0.41 -6.88
CA ILE A 286 4.38 -1.79 -6.63
C ILE A 286 4.29 -2.17 -5.16
N THR A 287 4.76 -1.31 -4.27
CA THR A 287 4.56 -1.48 -2.81
C THR A 287 3.39 -0.67 -2.30
N ARG A 288 2.76 0.11 -3.19
CA ARG A 288 1.71 1.07 -2.80
C ARG A 288 0.31 0.72 -3.29
N VAL A 289 0.12 -0.45 -3.90
CA VAL A 289 -1.11 -0.74 -4.65
C VAL A 289 -1.66 -2.12 -4.32
N PRO A 290 -2.31 -2.20 -3.17
CA PRO A 290 -2.89 -3.45 -2.71
C PRO A 290 -4.18 -3.81 -3.41
N LEU A 291 -4.61 -5.06 -3.27
CA LEU A 291 -5.92 -5.50 -3.80
C LEU A 291 -6.93 -5.65 -2.66
N GLY A 292 -8.20 -5.50 -3.00
CA GLY A 292 -9.28 -5.59 -2.06
C GLY A 292 -9.47 -6.96 -1.44
N SER A 293 -10.46 -7.06 -0.58
CA SER A 293 -10.72 -8.24 0.25
C SER A 293 -12.17 -8.70 0.07
N VAL A 294 -12.33 -9.95 -0.32
CA VAL A 294 -13.69 -10.46 -0.55
C VAL A 294 -13.76 -11.96 -0.42
N ILE A 295 -14.84 -12.44 0.21
CA ILE A 295 -15.19 -13.88 0.15
C ILE A 295 -16.46 -13.98 -0.69
N LYS A 296 -16.39 -14.72 -1.78
CA LYS A 296 -17.57 -14.98 -2.58
C LYS A 296 -18.21 -16.29 -2.11
N CYS A 297 -19.50 -16.25 -1.79
CA CYS A 297 -20.22 -17.39 -1.25
C CYS A 297 -21.50 -17.73 -2.03
N ILE A 298 -21.67 -19.01 -2.37
CA ILE A 298 -22.87 -19.52 -3.01
C ILE A 298 -23.59 -20.57 -2.10
N VAL A 299 -24.83 -20.24 -1.73
CA VAL A 299 -25.70 -21.13 -0.97
C VAL A 299 -26.74 -21.76 -1.91
N TYR A 300 -26.77 -23.08 -1.95
CA TYR A 300 -27.69 -23.81 -2.83
C TYR A 300 -28.96 -24.20 -2.06
N TYR A 301 -30.07 -24.17 -2.78
CA TYR A 301 -31.37 -24.59 -2.30
C TYR A 301 -32.05 -25.49 -3.31
N LYS A 302 -33.05 -26.22 -2.83
CA LYS A 302 -33.88 -27.16 -3.62
C LYS A 302 -34.51 -26.45 -4.81
N GLU A 303 -35.05 -25.27 -4.55
CA GLU A 303 -35.73 -24.46 -5.52
C GLU A 303 -35.45 -22.97 -5.30
N PRO A 304 -35.61 -22.13 -6.34
CA PRO A 304 -35.46 -20.70 -6.18
C PRO A 304 -36.71 -20.12 -5.56
N PHE A 305 -36.90 -20.46 -4.29
CA PHE A 305 -38.16 -20.22 -3.56
C PHE A 305 -38.51 -18.72 -3.47
N TRP A 306 -37.49 -17.89 -3.46
CA TRP A 306 -37.66 -16.41 -3.48
C TRP A 306 -38.48 -15.86 -4.67
N ARG A 307 -38.33 -16.46 -5.86
CA ARG A 307 -39.14 -16.12 -7.05
C ARG A 307 -40.63 -16.25 -6.77
N LYS A 308 -41.01 -17.28 -6.03
CA LYS A 308 -42.41 -17.48 -5.63
C LYS A 308 -43.01 -16.40 -4.75
N LYS A 309 -42.21 -15.71 -3.91
CA LYS A 309 -42.64 -14.46 -3.25
C LYS A 309 -42.43 -13.17 -4.06
N ASP A 310 -42.10 -13.32 -5.35
CA ASP A 310 -41.86 -12.23 -6.27
C ASP A 310 -40.61 -11.41 -5.85
N TYR A 311 -39.52 -12.11 -5.55
CA TYR A 311 -38.21 -11.54 -5.38
C TYR A 311 -37.27 -12.18 -6.39
N CYS A 312 -36.55 -11.42 -7.21
CA CYS A 312 -35.54 -11.99 -8.09
C CYS A 312 -34.38 -12.66 -7.38
N GLY A 313 -34.10 -12.23 -6.16
CA GLY A 313 -32.97 -12.76 -5.40
C GLY A 313 -31.83 -11.78 -5.28
N THR A 314 -31.99 -10.57 -5.80
CA THR A 314 -31.07 -9.47 -5.55
C THR A 314 -31.38 -8.80 -4.22
N MET A 315 -30.40 -8.69 -3.34
CA MET A 315 -30.60 -8.02 -2.06
C MET A 315 -29.46 -7.06 -1.87
N ILE A 316 -29.80 -5.85 -1.47
CA ILE A 316 -28.89 -4.81 -1.13
C ILE A 316 -29.06 -4.64 0.36
N ILE A 317 -28.07 -5.04 1.15
CA ILE A 317 -28.26 -5.25 2.58
C ILE A 317 -27.32 -4.35 3.34
N ASP A 318 -27.86 -3.29 3.91
CA ASP A 318 -27.10 -2.38 4.72
C ASP A 318 -27.20 -2.86 6.14
N GLY A 319 -26.10 -2.79 6.86
CA GLY A 319 -26.03 -3.25 8.25
C GLY A 319 -24.61 -3.72 8.55
N GLU A 320 -24.04 -3.25 9.66
CA GLU A 320 -22.79 -3.83 10.21
C GLU A 320 -22.90 -5.34 10.57
N GLU A 321 -24.08 -5.79 11.00
CA GLU A 321 -24.28 -7.17 11.42
C GLU A 321 -24.38 -8.12 10.22
N ALA A 322 -24.86 -7.62 9.09
CA ALA A 322 -25.03 -8.44 7.91
C ALA A 322 -23.66 -8.91 7.39
N PRO A 323 -23.38 -10.21 7.45
CA PRO A 323 -22.14 -10.67 6.78
C PRO A 323 -22.03 -10.31 5.27
N VAL A 324 -23.15 -10.40 4.56
CA VAL A 324 -23.23 -10.16 3.13
C VAL A 324 -23.97 -8.87 2.89
N ALA A 325 -23.44 -7.99 2.06
CA ALA A 325 -24.15 -6.73 1.72
C ALA A 325 -24.88 -6.70 0.34
N TYR A 326 -24.57 -7.69 -0.49
CA TYR A 326 -25.15 -7.80 -1.82
C TYR A 326 -25.27 -9.26 -2.20
N THR A 327 -26.42 -9.61 -2.77
CA THR A 327 -26.62 -10.93 -3.31
C THR A 327 -27.18 -10.87 -4.70
N LEU A 328 -27.02 -11.98 -5.44
CA LEU A 328 -27.70 -12.21 -6.72
C LEU A 328 -28.17 -13.66 -6.85
N ASP A 329 -29.25 -13.83 -7.58
CA ASP A 329 -29.68 -15.15 -8.04
C ASP A 329 -28.59 -15.78 -8.90
N ASP A 330 -28.11 -16.95 -8.48
CA ASP A 330 -27.09 -17.69 -9.22
C ASP A 330 -27.65 -19.03 -9.74
N THR A 331 -28.96 -19.14 -9.86
CA THR A 331 -29.61 -20.28 -10.49
C THR A 331 -29.23 -20.41 -11.97
N LYS A 332 -29.06 -21.65 -12.41
CA LYS A 332 -28.71 -21.97 -13.81
C LYS A 332 -29.81 -21.41 -14.73
N PRO A 333 -29.46 -21.13 -16.00
CA PRO A 333 -30.49 -20.67 -16.95
C PRO A 333 -31.66 -21.64 -17.11
N GLU A 334 -31.39 -22.93 -16.91
CA GLU A 334 -32.40 -23.97 -17.03
C GLU A 334 -33.42 -23.97 -15.87
N GLY A 335 -33.12 -23.26 -14.77
CA GLY A 335 -34.01 -23.17 -13.61
C GLY A 335 -33.61 -24.10 -12.50
N ASN A 336 -32.52 -24.85 -12.68
CA ASN A 336 -32.10 -25.81 -11.64
C ASN A 336 -30.79 -25.38 -10.94
N TYR A 337 -30.37 -26.16 -9.95
CA TYR A 337 -29.26 -25.82 -9.03
C TYR A 337 -29.47 -24.38 -8.48
N ALA A 338 -30.62 -24.18 -7.89
CA ALA A 338 -31.00 -22.90 -7.35
C ALA A 338 -30.02 -22.47 -6.28
N ALA A 339 -29.67 -21.20 -6.29
CA ALA A 339 -28.55 -20.74 -5.51
C ALA A 339 -28.61 -19.24 -5.32
N ILE A 340 -28.13 -18.78 -4.19
CA ILE A 340 -27.92 -17.35 -3.99
C ILE A 340 -26.42 -17.12 -3.84
N MET A 341 -25.87 -16.27 -4.71
CA MET A 341 -24.50 -15.77 -4.60
C MET A 341 -24.51 -14.53 -3.71
N GLY A 342 -23.52 -14.46 -2.84
CA GLY A 342 -23.33 -13.25 -2.03
C GLY A 342 -21.89 -12.93 -1.78
N PHE A 343 -21.61 -11.65 -1.68
CA PHE A 343 -20.27 -11.14 -1.37
C PHE A 343 -20.10 -10.70 0.08
N ILE A 344 -19.04 -11.19 0.70
CA ILE A 344 -18.59 -10.69 2.02
C ILE A 344 -17.43 -9.76 1.79
N LEU A 345 -17.61 -8.49 2.16
CA LEU A 345 -16.76 -7.39 1.62
C LEU A 345 -15.81 -6.78 2.65
N ALA A 346 -14.58 -6.47 2.22
CA ALA A 346 -13.69 -5.51 2.91
C ALA A 346 -13.39 -6.00 4.32
N HIS A 347 -13.73 -5.25 5.39
CA HIS A 347 -13.38 -5.70 6.74
C HIS A 347 -14.20 -6.88 7.22
N LYS A 348 -15.39 -7.10 6.68
CA LYS A 348 -16.09 -8.36 6.98
C LYS A 348 -15.41 -9.61 6.42
N ALA A 349 -14.71 -9.50 5.29
CA ALA A 349 -14.00 -10.67 4.78
C ALA A 349 -12.93 -11.04 5.79
N ARG A 350 -12.20 -10.02 6.25
CA ARG A 350 -11.22 -10.16 7.37
C ARG A 350 -11.84 -10.75 8.61
N LYS A 351 -12.88 -10.13 9.13
CA LYS A 351 -13.49 -10.60 10.36
C LYS A 351 -14.03 -12.07 10.27
N LEU A 352 -14.89 -12.34 9.30
CA LEU A 352 -15.60 -13.62 9.21
C LEU A 352 -14.75 -14.79 8.70
N ALA A 353 -13.55 -14.53 8.20
CA ALA A 353 -12.64 -15.63 7.80
C ALA A 353 -12.14 -16.45 8.98
N ARG A 354 -12.19 -15.89 10.19
CA ARG A 354 -11.95 -16.58 11.45
C ARG A 354 -12.82 -17.82 11.66
N LEU A 355 -14.05 -17.74 11.17
CA LEU A 355 -15.07 -18.77 11.36
C LEU A 355 -14.82 -19.99 10.48
N THR A 356 -15.43 -21.12 10.83
CA THR A 356 -15.44 -22.25 9.89
C THR A 356 -16.36 -21.98 8.67
N LYS A 357 -16.21 -22.80 7.65
CA LYS A 357 -17.12 -22.88 6.53
C LYS A 357 -18.60 -22.96 6.99
N GLU A 358 -18.86 -23.90 7.90
CA GLU A 358 -20.22 -24.22 8.43
C GLU A 358 -20.82 -23.08 9.25
N GLU A 359 -20.03 -22.41 10.06
CA GLU A 359 -20.52 -21.20 10.74
C GLU A 359 -20.80 -20.04 9.74
N ARG A 360 -20.02 -19.89 8.68
CA ARG A 360 -20.34 -18.87 7.68
C ARG A 360 -21.67 -19.19 6.96
N LEU A 361 -21.86 -20.46 6.61
CA LEU A 361 -23.12 -20.91 6.00
C LEU A 361 -24.31 -20.59 6.89
N LYS A 362 -24.17 -20.88 8.17
CA LYS A 362 -25.21 -20.63 9.17
C LYS A 362 -25.61 -19.17 9.23
N LYS A 363 -24.62 -18.29 9.39
CA LYS A 363 -24.86 -16.82 9.38
C LYS A 363 -25.49 -16.29 8.09
N LEU A 364 -25.09 -16.83 6.91
CA LEU A 364 -25.72 -16.45 5.63
C LEU A 364 -27.19 -16.88 5.57
N CYS A 365 -27.46 -18.14 5.86
CA CYS A 365 -28.82 -18.63 5.86
C CYS A 365 -29.76 -17.82 6.75
N GLU A 366 -29.33 -17.54 7.97
CA GLU A 366 -30.09 -16.70 8.90
C GLU A 366 -30.37 -15.27 8.40
N LEU A 367 -29.35 -14.64 7.83
CA LEU A 367 -29.52 -13.37 7.17
C LEU A 367 -30.58 -13.43 6.03
N TYR A 368 -30.39 -14.38 5.14
CA TYR A 368 -31.26 -14.52 3.97
C TYR A 368 -32.71 -14.81 4.39
N ALA A 369 -32.86 -15.64 5.42
CA ALA A 369 -34.17 -15.90 6.02
C ALA A 369 -34.91 -14.64 6.50
N LYS A 370 -34.20 -13.82 7.27
CA LYS A 370 -34.72 -12.54 7.70
C LYS A 370 -34.96 -11.68 6.48
N VAL A 371 -33.99 -11.52 5.59
CA VAL A 371 -34.16 -10.54 4.50
C VAL A 371 -35.32 -10.87 3.57
N LEU A 372 -35.45 -12.14 3.24
CA LEU A 372 -36.47 -12.65 2.33
C LEU A 372 -37.80 -13.04 3.01
N GLY A 373 -37.87 -12.89 4.33
CA GLY A 373 -39.00 -13.35 5.17
C GLY A 373 -39.36 -14.81 4.95
N SER A 374 -38.36 -15.68 4.84
CA SER A 374 -38.54 -17.06 4.40
C SER A 374 -37.76 -18.08 5.18
N LEU A 375 -38.45 -18.88 5.95
CA LEU A 375 -37.89 -20.06 6.61
C LEU A 375 -37.18 -21.09 5.70
N GLU A 376 -37.61 -21.22 4.44
CA GLU A 376 -36.92 -22.06 3.45
C GLU A 376 -35.41 -21.76 3.33
N ALA A 377 -35.03 -20.49 3.53
CA ALA A 377 -33.63 -20.03 3.48
C ALA A 377 -32.71 -20.72 4.47
N LEU A 378 -33.32 -21.31 5.49
CA LEU A 378 -32.63 -22.12 6.50
C LEU A 378 -32.46 -23.56 6.07
N GLU A 379 -32.79 -23.93 4.83
CA GLU A 379 -32.59 -25.31 4.34
C GLU A 379 -31.66 -25.45 3.14
N PRO A 380 -30.40 -25.01 3.29
CA PRO A 380 -29.51 -25.13 2.18
C PRO A 380 -29.23 -26.61 1.89
N VAL A 381 -28.98 -26.96 0.63
CA VAL A 381 -28.58 -28.33 0.22
C VAL A 381 -27.10 -28.45 -0.05
N HIS A 382 -26.37 -27.33 -0.08
CA HIS A 382 -24.97 -27.28 -0.48
C HIS A 382 -24.45 -25.85 -0.35
N TYR A 383 -23.13 -25.72 -0.17
CA TYR A 383 -22.44 -24.46 0.04
C TYR A 383 -21.06 -24.52 -0.65
N GLU A 384 -20.71 -23.48 -1.41
CA GLU A 384 -19.36 -23.30 -1.96
C GLU A 384 -18.91 -21.90 -1.64
N GLU A 385 -17.60 -21.72 -1.50
CA GLU A 385 -17.05 -20.39 -1.17
C GLU A 385 -15.57 -20.26 -1.51
N LYS A 386 -15.12 -19.02 -1.71
CA LYS A 386 -13.71 -18.74 -1.83
C LYS A 386 -13.35 -17.38 -1.26
N ASN A 387 -12.43 -17.41 -0.30
CA ASN A 387 -11.72 -16.28 0.19
C ASN A 387 -10.53 -16.01 -0.74
N TRP A 388 -10.65 -14.92 -1.51
CA TRP A 388 -9.57 -14.50 -2.42
C TRP A 388 -8.35 -13.87 -1.71
N CYS A 389 -8.55 -13.33 -0.50
CA CYS A 389 -7.48 -12.83 0.35
C CYS A 389 -6.30 -13.78 0.66
N GLU A 390 -6.51 -15.07 0.57
CA GLU A 390 -5.50 -16.04 0.93
C GLU A 390 -4.74 -16.52 -0.33
N GLU A 391 -5.06 -15.96 -1.49
CA GLU A 391 -4.36 -16.33 -2.71
C GLU A 391 -3.03 -15.57 -2.86
N GLN A 392 -1.94 -16.31 -2.72
CA GLN A 392 -0.58 -15.82 -2.94
C GLN A 392 -0.39 -15.22 -4.37
N TYR A 393 -1.01 -15.83 -5.38
CA TYR A 393 -0.77 -15.38 -6.78
C TYR A 393 -1.93 -14.52 -7.32
N SER A 394 -2.76 -14.00 -6.40
CA SER A 394 -3.70 -12.94 -6.70
C SER A 394 -3.53 -11.75 -5.76
N GLY A 395 -3.39 -12.01 -4.45
CA GLY A 395 -3.22 -10.92 -3.44
C GLY A 395 -4.51 -10.34 -2.86
N GLY A 396 -5.62 -10.64 -3.52
CA GLY A 396 -7.00 -10.28 -3.15
C GLY A 396 -7.91 -10.26 -4.41
N CYS A 397 -9.07 -9.61 -4.28
CA CYS A 397 -10.01 -9.42 -5.34
C CYS A 397 -10.99 -8.26 -4.98
N TYR A 398 -11.68 -7.66 -5.95
CA TYR A 398 -11.64 -8.02 -7.40
C TYR A 398 -10.34 -7.52 -8.01
N THR A 399 -9.89 -6.37 -7.50
CA THR A 399 -8.81 -5.67 -8.12
C THR A 399 -8.00 -4.84 -7.15
N THR A 400 -7.06 -4.14 -7.77
CA THR A 400 -6.17 -3.19 -7.11
C THR A 400 -6.86 -1.87 -6.80
N TYR A 401 -6.77 -1.41 -5.56
CA TYR A 401 -7.22 -0.06 -5.24
C TYR A 401 -6.02 0.84 -4.93
N PHE A 402 -6.23 2.14 -5.11
CA PHE A 402 -5.20 3.11 -4.84
C PHE A 402 -5.58 3.89 -3.62
N PRO A 403 -4.75 3.83 -2.57
CA PRO A 403 -4.90 4.71 -1.39
C PRO A 403 -4.66 6.17 -1.73
N PRO A 404 -5.04 7.08 -0.82
CA PRO A 404 -4.83 8.49 -1.06
C PRO A 404 -3.39 8.85 -1.34
N GLY A 405 -3.25 9.67 -2.38
CA GLY A 405 -1.97 10.25 -2.77
C GLY A 405 -1.19 9.45 -3.79
N ILE A 406 -1.59 8.22 -4.05
CA ILE A 406 -0.80 7.34 -4.91
C ILE A 406 -1.01 7.53 -6.40
N LEU A 407 -2.26 7.70 -6.84
CA LEU A 407 -2.58 7.79 -8.29
C LEU A 407 -1.93 9.01 -8.98
N THR A 408 -1.86 10.15 -8.30
CA THR A 408 -1.19 11.34 -8.89
C THR A 408 0.35 11.25 -8.89
N GLN A 409 0.92 10.49 -7.97
CA GLN A 409 2.39 10.38 -7.85
C GLN A 409 2.92 9.26 -8.67
N TYR A 410 2.19 8.14 -8.76
CA TYR A 410 2.73 6.95 -9.37
C TYR A 410 1.95 6.47 -10.57
N GLY A 411 0.74 6.98 -10.74
CA GLY A 411 -0.20 6.50 -11.75
C GLY A 411 0.34 6.47 -13.15
N ARG A 412 1.07 7.50 -13.51
CA ARG A 412 1.64 7.56 -14.86
C ARG A 412 2.58 6.39 -15.26
N VAL A 413 3.02 5.55 -14.31
CA VAL A 413 3.97 4.47 -14.61
C VAL A 413 3.38 3.07 -14.67
N LEU A 414 2.11 2.89 -14.29
CA LEU A 414 1.48 1.56 -14.33
C LEU A 414 1.73 0.79 -15.64
N ARG A 415 1.56 1.45 -16.77
CA ARG A 415 1.77 0.79 -18.04
C ARG A 415 2.90 1.39 -18.88
N GLN A 416 3.79 2.13 -18.24
CA GLN A 416 5.05 2.55 -18.88
C GLN A 416 6.05 1.35 -19.06
N PRO A 417 6.37 0.99 -20.31
CA PRO A 417 7.34 -0.09 -20.49
C PRO A 417 8.66 0.18 -19.71
N VAL A 418 9.24 -0.90 -19.20
CA VAL A 418 10.54 -0.86 -18.56
C VAL A 418 11.43 -1.68 -19.50
N ASP A 419 12.17 -0.95 -20.34
CA ASP A 419 12.96 -1.47 -21.44
C ASP A 419 12.13 -2.40 -22.39
N ARG A 420 12.27 -3.72 -22.26
CA ARG A 420 11.57 -4.68 -23.09
C ARG A 420 10.49 -5.46 -22.33
N ILE A 421 10.20 -5.03 -21.09
CA ILE A 421 9.02 -5.47 -20.36
C ILE A 421 7.85 -4.47 -20.61
N TYR A 422 6.68 -5.02 -20.90
CA TYR A 422 5.47 -4.30 -21.26
C TYR A 422 4.39 -4.79 -20.28
N PHE A 423 3.44 -3.93 -19.97
CA PHE A 423 2.50 -4.22 -18.88
C PHE A 423 1.02 -4.39 -19.29
N ALA A 424 0.54 -5.61 -19.07
CA ALA A 424 -0.86 -5.96 -19.23
C ALA A 424 -1.49 -6.08 -17.82
N GLY A 425 -2.51 -6.94 -17.67
CA GLY A 425 -3.37 -6.99 -16.48
C GLY A 425 -4.46 -5.93 -16.48
N THR A 426 -5.61 -6.30 -15.92
CA THR A 426 -6.77 -5.47 -16.01
C THR A 426 -6.55 -4.11 -15.35
N GLU A 427 -5.61 -4.02 -14.42
CA GLU A 427 -5.29 -2.75 -13.77
C GLU A 427 -4.74 -1.65 -14.68
N THR A 428 -4.15 -2.07 -15.81
CA THR A 428 -3.62 -1.17 -16.84
C THR A 428 -4.64 -0.74 -17.93
N ALA A 429 -5.87 -1.26 -17.84
CA ALA A 429 -6.92 -0.89 -18.80
C ALA A 429 -7.48 0.53 -18.57
N THR A 430 -8.17 1.05 -19.58
CA THR A 430 -8.84 2.38 -19.57
C THR A 430 -10.35 2.29 -19.63
N HIS A 431 -10.89 1.08 -19.81
CA HIS A 431 -12.32 0.86 -19.90
C HIS A 431 -12.58 -0.49 -19.22
N TRP A 432 -13.28 -0.48 -18.08
CA TRP A 432 -13.54 -1.66 -17.28
C TRP A 432 -12.28 -2.24 -16.68
N SER A 433 -11.36 -1.36 -16.34
CA SER A 433 -10.24 -1.77 -15.49
C SER A 433 -10.89 -2.34 -14.25
N GLY A 434 -10.31 -3.43 -13.77
CA GLY A 434 -10.84 -4.23 -12.68
C GLY A 434 -11.68 -5.44 -13.08
N TYR A 435 -12.05 -5.50 -14.36
CA TYR A 435 -12.91 -6.55 -14.92
C TYR A 435 -12.18 -7.45 -15.93
N MET A 436 -12.82 -8.54 -16.28
CA MET A 436 -12.45 -9.41 -17.40
C MET A 436 -12.32 -8.62 -18.71
N GLU A 437 -13.23 -7.69 -18.97
CA GLU A 437 -13.09 -6.76 -20.09
C GLU A 437 -11.76 -6.02 -20.10
N GLY A 438 -11.38 -5.47 -18.95
CA GLY A 438 -10.12 -4.70 -18.89
C GLY A 438 -8.91 -5.61 -19.07
N ALA A 439 -9.05 -6.82 -18.59
CA ALA A 439 -8.05 -7.82 -18.82
C ALA A 439 -7.77 -8.03 -20.32
N VAL A 440 -8.82 -8.14 -21.12
CA VAL A 440 -8.69 -8.37 -22.58
C VAL A 440 -8.12 -7.13 -23.26
N GLU A 441 -8.64 -5.95 -22.90
CA GLU A 441 -8.13 -4.67 -23.45
C GLU A 441 -6.61 -4.57 -23.19
N ALA A 442 -6.20 -4.79 -21.95
CA ALA A 442 -4.82 -4.58 -21.58
C ALA A 442 -3.88 -5.61 -22.16
N GLY A 443 -4.35 -6.86 -22.25
CA GLY A 443 -3.60 -7.95 -22.84
C GLY A 443 -3.32 -7.72 -24.32
N GLU A 444 -4.35 -7.29 -25.01
CA GLU A 444 -4.28 -7.02 -26.41
C GLU A 444 -3.51 -5.76 -26.73
N ARG A 445 -3.64 -4.74 -25.88
CA ARG A 445 -2.87 -3.50 -26.08
C ARG A 445 -1.36 -3.72 -25.85
N ALA A 446 -1.00 -4.42 -24.79
CA ALA A 446 0.41 -4.73 -24.54
C ALA A 446 1.07 -5.58 -25.67
N ALA A 447 0.32 -6.54 -26.22
CA ALA A 447 0.78 -7.38 -27.32
C ALA A 447 1.03 -6.54 -28.56
N ARG A 448 0.10 -5.63 -28.85
CA ARG A 448 0.24 -4.73 -29.97
C ARG A 448 1.33 -3.67 -29.72
N GLU A 449 1.60 -3.32 -28.47
CA GLU A 449 2.82 -2.54 -28.18
C GLU A 449 4.13 -3.23 -28.62
N ILE A 450 4.22 -4.53 -28.39
CA ILE A 450 5.40 -5.29 -28.81
C ILE A 450 5.46 -5.41 -30.35
N LEU A 451 4.35 -5.77 -30.99
CA LEU A 451 4.21 -5.73 -32.45
C LEU A 451 4.69 -4.38 -33.06
N HIS A 452 4.42 -3.28 -32.36
CA HIS A 452 4.93 -1.98 -32.81
C HIS A 452 6.44 -1.88 -32.59
N ALA A 453 6.95 -2.24 -31.42
CA ALA A 453 8.41 -2.22 -31.19
C ALA A 453 9.16 -3.08 -32.22
N MET A 454 8.52 -4.15 -32.70
CA MET A 454 9.10 -5.03 -33.70
C MET A 454 8.91 -4.57 -35.16
N GLY A 455 8.30 -3.39 -35.36
CA GLY A 455 7.99 -2.82 -36.69
C GLY A 455 6.93 -3.53 -37.53
N LYS A 456 6.08 -4.35 -36.90
CA LYS A 456 5.03 -5.11 -37.60
C LYS A 456 3.67 -4.39 -37.78
N ILE A 457 3.44 -3.33 -37.00
CA ILE A 457 2.24 -2.48 -37.13
C ILE A 457 2.63 -1.04 -36.86
N PRO A 458 1.91 -0.06 -37.44
CA PRO A 458 2.19 1.36 -37.13
C PRO A 458 1.66 1.77 -35.75
N GLU A 459 2.13 2.91 -35.25
CA GLU A 459 1.82 3.38 -33.89
C GLU A 459 0.31 3.57 -33.58
N ASP A 460 -0.47 4.01 -34.56
CA ASP A 460 -1.90 4.23 -34.36
C ASP A 460 -2.74 2.91 -34.22
N GLU A 461 -2.14 1.75 -34.43
CA GLU A 461 -2.81 0.46 -34.27
C GLU A 461 -2.63 -0.24 -32.90
N ILE A 462 -1.82 0.37 -32.03
CA ILE A 462 -1.57 -0.08 -30.65
C ILE A 462 -2.89 -0.07 -29.82
N TRP A 463 -3.56 1.08 -29.81
CA TRP A 463 -4.89 1.23 -29.23
C TRP A 463 -5.88 1.05 -30.36
N GLN A 464 -6.79 0.09 -30.19
CA GLN A 464 -7.73 -0.28 -31.18
C GLN A 464 -9.10 -0.34 -30.55
N SER A 465 -10.06 0.38 -31.12
CA SER A 465 -11.45 0.34 -30.63
C SER A 465 -12.12 -0.99 -31.01
N GLU A 466 -13.25 -1.25 -30.36
CA GLU A 466 -13.95 -2.54 -30.47
C GLU A 466 -15.37 -2.37 -30.96
N PRO A 467 -15.76 -3.09 -32.05
CA PRO A 467 -17.17 -3.01 -32.49
C PRO A 467 -18.15 -3.50 -31.42
N GLU A 468 -19.30 -2.84 -31.35
CA GLU A 468 -20.36 -3.19 -30.43
C GLU A 468 -20.92 -4.63 -30.62
N SER A 469 -21.06 -5.39 -29.53
CA SER A 469 -21.66 -6.74 -29.60
C SER A 469 -23.08 -6.61 -30.19
N VAL A 470 -23.38 -7.38 -31.23
CA VAL A 470 -24.74 -7.47 -31.75
C VAL A 470 -25.62 -8.39 -30.86
N ASP A 471 -25.00 -9.21 -30.01
CA ASP A 471 -25.72 -10.10 -29.04
C ASP A 471 -26.06 -9.45 -27.67
N VAL A 472 -25.22 -8.50 -27.21
CA VAL A 472 -25.40 -7.77 -25.95
C VAL A 472 -25.28 -6.26 -26.18
N PRO A 473 -26.27 -5.68 -26.85
CA PRO A 473 -26.18 -4.29 -27.26
C PRO A 473 -26.45 -3.34 -26.08
N ALA A 474 -25.89 -2.15 -26.12
CA ALA A 474 -25.96 -1.23 -24.99
C ALA A 474 -27.07 -0.17 -25.14
N GLN A 475 -27.98 -0.11 -24.16
CA GLN A 475 -28.95 0.96 -24.08
C GLN A 475 -28.18 2.12 -23.48
N PRO A 476 -28.40 3.32 -24.00
CA PRO A 476 -27.62 4.42 -23.51
C PRO A 476 -28.10 4.81 -22.13
N ILE A 477 -27.27 5.55 -21.41
CA ILE A 477 -27.62 5.96 -20.06
C ILE A 477 -28.30 7.33 -20.10
N THR A 478 -29.54 7.39 -19.64
CA THR A 478 -30.37 8.63 -19.72
C THR A 478 -30.67 9.24 -18.36
N THR A 479 -30.81 10.55 -18.30
CA THR A 479 -31.36 11.20 -17.13
C THR A 479 -32.67 11.94 -17.47
N THR A 480 -33.50 12.19 -16.46
CA THR A 480 -34.68 13.05 -16.59
C THR A 480 -34.30 14.49 -16.28
N PHE A 481 -35.13 15.44 -16.72
CA PHE A 481 -34.93 16.88 -16.44
C PHE A 481 -34.78 17.17 -14.94
N LEU A 482 -35.62 16.54 -14.15
CA LEU A 482 -35.65 16.74 -12.71
C LEU A 482 -34.36 16.25 -12.06
N GLU A 483 -33.94 15.03 -12.48
CA GLU A 483 -32.67 14.43 -12.07
C GLU A 483 -31.51 15.38 -12.30
N ARG A 484 -31.48 16.05 -13.45
CA ARG A 484 -30.39 17.00 -13.77
C ARG A 484 -30.44 18.32 -13.01
N HIS A 485 -31.65 18.88 -12.77
CA HIS A 485 -31.77 20.24 -12.23
C HIS A 485 -32.29 20.38 -10.79
N LEU A 486 -32.76 19.30 -10.15
CA LEU A 486 -33.18 19.44 -8.78
C LEU A 486 -31.98 19.88 -7.95
N PRO A 487 -32.21 20.71 -6.90
CA PRO A 487 -31.07 21.20 -6.18
C PRO A 487 -30.53 20.14 -5.23
N SER A 488 -29.29 20.33 -4.79
CA SER A 488 -28.76 19.57 -3.68
C SER A 488 -29.44 20.03 -2.38
N VAL A 489 -29.19 19.35 -1.27
CA VAL A 489 -29.61 19.85 0.04
C VAL A 489 -29.04 21.24 0.36
N PRO A 490 -27.72 21.46 0.19
CA PRO A 490 -27.22 22.84 0.44
C PRO A 490 -27.76 23.84 -0.57
N GLY A 491 -28.00 23.38 -1.78
CA GLY A 491 -28.59 24.20 -2.84
C GLY A 491 -30.00 24.64 -2.53
N LEU A 492 -30.84 23.74 -2.03
CA LEU A 492 -32.16 24.10 -1.53
C LEU A 492 -32.11 25.10 -0.33
N LEU A 493 -31.19 24.88 0.62
CA LEU A 493 -30.97 25.79 1.74
C LEU A 493 -30.51 27.18 1.29
N ARG A 494 -29.65 27.26 0.25
CA ARG A 494 -29.25 28.56 -0.35
C ARG A 494 -30.46 29.24 -0.99
N LEU A 495 -31.26 28.47 -1.71
CA LEU A 495 -32.53 28.97 -2.26
C LEU A 495 -33.47 29.58 -1.18
N ILE A 496 -33.53 28.94 -0.02
CA ILE A 496 -34.34 29.40 1.12
C ILE A 496 -33.84 30.72 1.73
N GLY A 497 -32.58 30.77 2.13
CA GLY A 497 -31.97 32.01 2.66
C GLY A 497 -32.10 33.22 1.74
N LEU A 498 -32.02 33.00 0.42
CA LEU A 498 -32.15 34.07 -0.62
C LEU A 498 -33.58 34.61 -0.75
N THR A 499 -34.53 33.69 -0.85
CA THR A 499 -35.97 34.00 -0.85
C THR A 499 -36.34 34.82 0.37
N THR A 500 -36.16 34.25 1.56
CA THR A 500 -36.48 34.94 2.83
C THR A 500 -35.47 36.07 3.15
N ILE A 501 -35.58 37.17 2.40
CA ILE A 501 -34.69 38.34 2.51
C ILE A 501 -35.43 39.56 1.92
N ASN B 3 24.90 -24.83 3.94
CA ASN B 3 23.84 -25.89 3.90
C ASN B 3 23.03 -26.01 5.23
N LYS B 4 23.46 -26.75 6.25
CA LYS B 4 22.60 -26.98 7.47
C LYS B 4 23.05 -26.16 8.70
N CYS B 5 22.10 -25.61 9.45
CA CYS B 5 22.41 -24.76 10.57
C CYS B 5 21.21 -24.76 11.48
N ASP B 6 21.26 -24.08 12.61
CA ASP B 6 20.11 -23.98 13.54
C ASP B 6 19.07 -22.91 13.15
N VAL B 7 19.57 -21.76 12.67
CA VAL B 7 18.77 -20.57 12.33
C VAL B 7 19.29 -19.87 11.09
N VAL B 8 18.43 -19.68 10.08
CA VAL B 8 18.73 -18.82 8.93
C VAL B 8 18.13 -17.43 9.24
N VAL B 9 18.93 -16.37 9.13
CA VAL B 9 18.43 -14.98 9.29
C VAL B 9 18.41 -14.39 7.88
N VAL B 10 17.25 -13.89 7.45
CA VAL B 10 17.11 -13.27 6.13
C VAL B 10 17.28 -11.79 6.33
N GLY B 11 18.36 -11.23 5.77
CA GLY B 11 18.66 -9.81 5.89
C GLY B 11 19.81 -9.49 6.83
N GLY B 12 20.81 -8.80 6.30
CA GLY B 12 21.94 -8.42 7.10
C GLY B 12 22.02 -6.95 7.44
N GLY B 13 20.88 -6.36 7.80
CA GLY B 13 20.81 -5.01 8.28
C GLY B 13 21.11 -5.09 9.74
N ILE B 14 20.96 -3.99 10.47
CA ILE B 14 21.17 -3.99 11.89
C ILE B 14 20.32 -5.02 12.58
N SER B 15 19.07 -5.18 12.18
CA SER B 15 18.17 -6.07 12.94
C SER B 15 18.62 -7.53 12.82
N GLY B 16 18.89 -7.98 11.60
CA GLY B 16 19.34 -9.35 11.33
C GLY B 16 20.68 -9.68 11.96
N MET B 17 21.63 -8.75 11.78
CA MET B 17 22.93 -8.84 12.41
C MET B 17 22.85 -8.87 13.94
N ALA B 18 21.98 -8.09 14.56
CA ALA B 18 21.88 -8.14 16.02
C ALA B 18 21.27 -9.48 16.48
N ALA B 19 20.31 -9.99 15.71
CA ALA B 19 19.70 -11.30 15.94
C ALA B 19 20.74 -12.36 15.82
N ALA B 20 21.48 -12.37 14.71
CA ALA B 20 22.48 -13.41 14.47
C ALA B 20 23.58 -13.37 15.54
N LYS B 21 23.98 -12.18 15.97
CA LYS B 21 25.02 -12.05 16.96
C LYS B 21 24.55 -12.69 18.27
N LEU B 22 23.31 -12.41 18.66
CA LEU B 22 22.79 -12.96 19.89
C LEU B 22 22.71 -14.49 19.85
N LEU B 23 22.21 -15.03 18.75
CA LEU B 23 22.08 -16.43 18.62
C LEU B 23 23.45 -17.14 18.65
N HIS B 24 24.41 -16.59 17.89
CA HIS B 24 25.81 -17.08 17.87
C HIS B 24 26.46 -17.03 19.25
N ASP B 25 26.32 -15.91 19.94
CA ASP B 25 26.89 -15.78 21.30
C ASP B 25 26.32 -16.79 22.29
N SER B 26 25.09 -17.23 22.05
CA SER B 26 24.46 -18.22 22.88
C SER B 26 24.78 -19.66 22.47
N GLY B 27 25.54 -19.88 21.38
CA GLY B 27 25.98 -21.23 20.99
C GLY B 27 25.35 -21.90 19.77
N LEU B 28 24.38 -21.27 19.11
CA LEU B 28 23.77 -21.84 17.93
C LEU B 28 24.52 -21.50 16.68
N ASN B 29 24.37 -22.34 15.66
CA ASN B 29 25.00 -22.11 14.34
C ASN B 29 24.03 -21.29 13.51
N VAL B 30 24.46 -20.11 13.06
CA VAL B 30 23.60 -19.19 12.33
C VAL B 30 24.21 -18.88 10.99
N VAL B 31 23.34 -18.72 10.01
CA VAL B 31 23.68 -18.19 8.71
C VAL B 31 22.83 -16.93 8.51
N VAL B 32 23.44 -15.92 7.90
CA VAL B 32 22.75 -14.70 7.53
C VAL B 32 22.73 -14.63 6.05
N LEU B 33 21.57 -14.49 5.47
CA LEU B 33 21.50 -14.45 4.00
C LEU B 33 21.18 -13.02 3.57
N GLU B 34 22.11 -12.36 2.90
CA GLU B 34 21.97 -10.98 2.52
C GLU B 34 21.94 -10.86 0.99
N ALA B 35 20.92 -10.17 0.47
CA ALA B 35 20.68 -9.98 -0.96
C ALA B 35 21.71 -9.11 -1.65
N ARG B 36 22.16 -8.07 -0.97
CA ARG B 36 23.14 -7.12 -1.54
C ARG B 36 24.60 -7.62 -1.39
N ASP B 37 25.49 -6.91 -2.09
CA ASP B 37 26.93 -7.12 -2.01
C ASP B 37 27.55 -6.44 -0.79
N ARG B 38 26.74 -6.01 0.18
CA ARG B 38 27.18 -5.43 1.44
C ARG B 38 26.19 -5.72 2.58
N VAL B 39 26.60 -5.45 3.79
CA VAL B 39 25.68 -5.47 4.93
C VAL B 39 25.27 -4.02 5.26
N GLY B 40 24.28 -3.86 6.12
CA GLY B 40 23.91 -2.53 6.60
C GLY B 40 22.49 -2.12 6.32
N GLY B 41 21.98 -2.56 5.17
CA GLY B 41 20.66 -2.20 4.70
C GLY B 41 20.43 -0.69 4.53
N ARG B 42 19.55 -0.14 5.39
CA ARG B 42 19.24 1.26 5.35
C ARG B 42 20.27 2.15 6.06
N THR B 43 21.34 1.55 6.62
CA THR B 43 22.56 2.24 6.98
C THR B 43 23.56 1.94 5.92
N TYR B 44 24.36 2.94 5.58
CA TYR B 44 25.37 2.82 4.55
C TYR B 44 26.37 3.95 4.76
N THR B 45 27.64 3.59 5.00
CA THR B 45 28.70 4.56 5.16
C THR B 45 29.64 4.48 3.94
N LEU B 46 29.66 5.58 3.16
CA LEU B 46 30.57 5.76 2.05
C LEU B 46 31.85 6.36 2.56
N ARG B 47 32.96 5.82 2.10
CA ARG B 47 34.30 6.40 2.36
C ARG B 47 34.97 6.86 1.08
N ASN B 48 35.55 8.05 1.17
CA ASN B 48 36.46 8.57 0.12
C ASN B 48 37.22 9.67 0.72
N GLN B 49 38.25 10.09 0.01
CA GLN B 49 39.19 11.05 0.51
C GLN B 49 38.51 12.43 0.75
N LYS B 50 37.47 12.74 -0.03
CA LYS B 50 36.87 14.07 0.02
C LYS B 50 36.05 14.23 1.25
N VAL B 51 35.27 13.20 1.58
CA VAL B 51 34.40 13.25 2.76
C VAL B 51 34.95 12.56 4.01
N LYS B 52 36.00 11.73 3.80
CA LYS B 52 36.48 10.72 4.71
C LYS B 52 35.48 9.53 4.92
N TYR B 53 34.45 9.73 5.70
CA TYR B 53 33.31 8.85 5.73
C TYR B 53 32.01 9.71 5.82
N VAL B 54 30.91 9.19 5.31
CA VAL B 54 29.64 9.86 5.42
C VAL B 54 28.51 8.85 5.45
N ASP B 55 27.62 9.02 6.42
CA ASP B 55 26.40 8.22 6.49
C ASP B 55 25.42 8.75 5.44
N LEU B 56 25.10 7.90 4.46
CA LEU B 56 24.09 8.18 3.44
C LEU B 56 22.74 7.59 3.77
N GLY B 57 22.68 6.77 4.79
CA GLY B 57 21.45 6.16 5.28
C GLY B 57 21.22 6.55 6.70
N GLY B 58 20.63 5.69 7.51
CA GLY B 58 20.54 6.00 8.94
C GLY B 58 21.85 6.41 9.62
N SER B 59 21.76 7.34 10.57
CA SER B 59 22.92 8.01 11.14
C SER B 59 22.81 8.47 12.59
N TYR B 60 21.68 9.06 12.97
CA TYR B 60 21.52 9.70 14.28
C TYR B 60 21.11 8.73 15.38
N VAL B 61 21.66 8.96 16.57
CA VAL B 61 21.22 8.28 17.76
C VAL B 61 21.22 9.27 18.89
N GLY B 62 20.54 8.91 19.94
CA GLY B 62 20.31 9.84 21.00
C GLY B 62 19.81 9.18 22.24
N PRO B 63 19.56 9.99 23.25
CA PRO B 63 19.21 9.39 24.53
C PRO B 63 17.88 8.68 24.45
N THR B 64 17.77 7.67 25.31
CA THR B 64 16.76 6.61 25.38
C THR B 64 16.93 5.47 24.34
N GLN B 65 17.91 5.53 23.46
CA GLN B 65 18.15 4.48 22.49
C GLN B 65 19.29 3.60 23.02
N ASN B 66 19.05 3.02 24.17
CA ASN B 66 20.09 2.35 24.91
C ASN B 66 20.58 1.04 24.31
N ARG B 67 19.76 0.39 23.47
CA ARG B 67 20.21 -0.81 22.83
C ARG B 67 21.23 -0.64 21.68
N ILE B 68 21.01 0.34 20.80
CA ILE B 68 22.01 0.67 19.77
C ILE B 68 23.30 1.23 20.37
N LEU B 69 23.18 2.03 21.41
CA LEU B 69 24.36 2.53 22.11
C LEU B 69 25.18 1.42 22.78
N ARG B 70 24.54 0.46 23.44
CA ARG B 70 25.26 -0.67 24.07
C ARG B 70 25.94 -1.61 23.04
N LEU B 71 25.23 -1.94 21.97
CA LEU B 71 25.74 -2.82 20.96
C LEU B 71 26.91 -2.20 20.22
N ALA B 72 26.79 -0.93 19.85
CA ALA B 72 27.87 -0.18 19.21
C ALA B 72 29.09 -0.03 20.14
N LYS B 73 28.84 0.33 21.41
CA LYS B 73 29.89 0.31 22.44
C LYS B 73 30.66 -1.02 22.54
N GLU B 74 29.95 -2.13 22.53
CA GLU B 74 30.59 -3.42 22.59
C GLU B 74 31.41 -3.72 21.32
N LEU B 75 30.98 -3.20 20.19
CA LEU B 75 31.77 -3.31 18.97
C LEU B 75 32.91 -2.29 18.87
N GLY B 76 33.11 -1.46 19.90
CA GLY B 76 34.20 -0.48 19.92
C GLY B 76 33.96 0.86 19.21
N LEU B 77 32.71 1.17 18.93
CA LEU B 77 32.29 2.45 18.38
C LEU B 77 32.09 3.51 19.47
N GLU B 78 32.24 4.76 19.05
CA GLU B 78 32.06 5.91 19.92
C GLU B 78 31.18 6.90 19.20
N THR B 79 30.50 7.72 19.96
CA THR B 79 29.68 8.77 19.42
C THR B 79 30.33 10.13 19.61
N TYR B 80 29.92 11.07 18.77
CA TYR B 80 30.06 12.48 19.01
C TYR B 80 28.68 13.21 18.86
N LYS B 81 28.65 14.46 19.29
CA LYS B 81 27.46 15.27 19.33
C LYS B 81 27.32 16.12 18.09
N VAL B 82 26.11 16.10 17.49
CA VAL B 82 25.76 16.95 16.38
C VAL B 82 25.86 18.39 16.79
N ASN B 83 26.41 19.24 15.91
CA ASN B 83 26.63 20.61 16.33
C ASN B 83 25.30 21.35 16.53
N GLU B 84 25.03 21.76 17.76
CA GLU B 84 23.91 22.62 18.12
C GLU B 84 24.32 23.72 19.12
N VAL B 85 25.57 24.15 19.12
CA VAL B 85 25.99 25.19 20.05
C VAL B 85 25.32 26.59 19.75
N GLU B 86 25.21 26.94 18.49
CA GLU B 86 24.72 28.23 18.03
C GLU B 86 23.21 28.18 17.64
N ARG B 87 22.70 29.20 16.99
CA ARG B 87 21.27 29.31 16.82
C ARG B 87 20.75 28.51 15.64
N LEU B 88 19.56 27.99 15.85
CA LEU B 88 18.75 27.34 14.84
C LEU B 88 18.14 28.42 13.95
N ILE B 89 17.66 28.04 12.76
CA ILE B 89 16.98 28.96 11.90
C ILE B 89 15.64 28.42 11.46
N HIS B 90 14.58 29.23 11.64
CA HIS B 90 13.29 29.02 10.98
C HIS B 90 13.18 29.96 9.77
N HIS B 91 13.19 29.43 8.56
CA HIS B 91 12.90 30.23 7.37
C HIS B 91 11.42 30.16 7.03
N VAL B 92 10.75 31.30 7.05
CA VAL B 92 9.29 31.42 6.86
C VAL B 92 9.02 32.69 6.04
N LYS B 93 8.25 32.50 4.97
CA LYS B 93 7.89 33.54 3.99
C LYS B 93 9.09 34.35 3.53
N GLY B 94 10.12 33.63 3.07
CA GLY B 94 11.30 34.27 2.44
C GLY B 94 12.26 34.95 3.41
N LYS B 95 12.13 34.67 4.69
CA LYS B 95 13.01 35.31 5.69
C LYS B 95 13.48 34.34 6.80
N SER B 96 14.71 34.56 7.29
CA SER B 96 15.29 33.76 8.37
C SER B 96 15.06 34.34 9.78
N TYR B 97 14.50 33.55 10.69
CA TYR B 97 14.34 33.94 12.07
C TYR B 97 15.21 33.06 12.96
N PRO B 98 16.29 33.61 13.51
CA PRO B 98 17.09 32.75 14.36
C PRO B 98 16.44 32.58 15.70
N PHE B 99 16.62 31.41 16.28
CA PHE B 99 16.07 31.03 17.54
C PHE B 99 16.93 29.99 18.27
N ARG B 100 16.70 29.84 19.57
CA ARG B 100 17.33 28.76 20.37
C ARG B 100 16.25 27.87 20.97
N GLY B 101 16.58 26.61 21.25
CA GLY B 101 15.62 25.66 21.85
C GLY B 101 15.06 24.77 20.76
N PRO B 102 14.34 23.73 21.15
CA PRO B 102 13.98 22.76 20.13
C PRO B 102 12.91 23.21 19.15
N PHE B 103 12.14 24.22 19.56
CA PHE B 103 10.83 24.55 18.99
C PHE B 103 10.91 25.98 18.49
N PRO B 104 10.68 26.21 17.18
CA PRO B 104 10.77 27.58 16.65
C PRO B 104 9.65 28.47 17.24
N PRO B 105 10.00 29.67 17.73
CA PRO B 105 9.02 30.48 18.44
C PRO B 105 7.98 31.12 17.52
N VAL B 106 6.91 31.59 18.16
CA VAL B 106 5.74 32.14 17.49
C VAL B 106 5.35 33.39 18.26
N TRP B 107 5.11 34.48 17.57
CA TRP B 107 4.91 35.76 18.26
C TRP B 107 3.43 36.23 18.32
N ASN B 108 2.66 36.04 17.24
CA ASN B 108 1.23 36.35 17.26
C ASN B 108 0.53 35.47 18.31
N PRO B 109 -0.29 36.06 19.22
CA PRO B 109 -0.89 35.30 20.35
C PRO B 109 -1.90 34.21 19.95
N ILE B 110 -2.60 34.39 18.84
CA ILE B 110 -3.56 33.42 18.37
C ILE B 110 -2.82 32.21 17.82
N THR B 111 -1.86 32.48 16.97
CA THR B 111 -0.98 31.48 16.41
C THR B 111 -0.25 30.75 17.56
N TYR B 112 0.13 31.50 18.59
CA TYR B 112 0.84 30.94 19.71
C TYR B 112 -0.02 29.86 20.34
N LEU B 113 -1.28 30.19 20.66
CA LEU B 113 -2.21 29.23 21.23
C LEU B 113 -2.34 27.99 20.31
N ASP B 114 -2.46 28.24 19.00
CA ASP B 114 -2.70 27.19 18.04
C ASP B 114 -1.51 26.26 18.02
N HIS B 115 -0.29 26.80 18.03
CA HIS B 115 0.94 25.99 17.94
C HIS B 115 1.06 25.17 19.17
N ASN B 116 0.89 25.81 20.32
CA ASN B 116 0.98 25.14 21.62
C ASN B 116 0.02 23.98 21.77
N ASN B 117 -1.19 24.20 21.29
CA ASN B 117 -2.24 23.19 21.36
C ASN B 117 -1.97 22.05 20.44
N PHE B 118 -1.41 22.31 19.27
CA PHE B 118 -1.16 21.21 18.33
C PHE B 118 -0.16 20.21 18.90
N TRP B 119 1.01 20.68 19.37
CA TRP B 119 2.02 19.78 19.96
C TRP B 119 1.51 19.06 21.19
N ARG B 120 0.88 19.81 22.10
CA ARG B 120 0.33 19.22 23.30
C ARG B 120 -0.72 18.15 22.97
N THR B 121 -1.54 18.40 21.94
CA THR B 121 -2.59 17.46 21.55
C THR B 121 -2.05 16.16 20.97
N MET B 122 -1.02 16.23 20.14
CA MET B 122 -0.26 15.03 19.73
C MET B 122 0.19 14.14 20.91
N ASP B 123 0.74 14.73 21.97
CA ASP B 123 1.16 13.95 23.13
C ASP B 123 -0.03 13.47 23.98
N ASP B 124 -1.05 14.27 24.14
CA ASP B 124 -2.29 13.78 24.82
C ASP B 124 -2.87 12.54 24.11
N MET B 125 -2.97 12.62 22.78
CA MET B 125 -3.50 11.51 22.05
C MET B 125 -2.59 10.33 22.15
N GLY B 126 -1.27 10.55 22.14
CA GLY B 126 -0.31 9.47 22.35
C GLY B 126 -0.43 8.68 23.64
N ARG B 127 -0.80 9.34 24.71
CA ARG B 127 -0.82 8.73 26.04
C ARG B 127 -1.93 7.67 26.14
N GLU B 128 -2.83 7.62 25.15
CA GLU B 128 -3.85 6.59 25.05
C GLU B 128 -3.53 5.48 24.04
N ILE B 129 -2.32 5.47 23.51
CA ILE B 129 -1.93 4.49 22.53
C ILE B 129 -0.86 3.60 23.13
N PRO B 130 -1.16 2.30 23.33
CA PRO B 130 -0.11 1.38 23.81
C PRO B 130 0.96 1.11 22.77
N SER B 131 2.21 1.23 23.20
CA SER B 131 3.37 1.01 22.36
C SER B 131 3.38 -0.32 21.66
N ASP B 132 3.09 -1.39 22.41
CA ASP B 132 3.08 -2.78 21.90
C ASP B 132 1.79 -3.22 21.24
N ALA B 133 0.80 -2.35 21.18
CA ALA B 133 -0.51 -2.66 20.59
C ALA B 133 -1.30 -1.38 20.29
N PRO B 134 -0.89 -0.60 19.29
CA PRO B 134 -1.63 0.63 19.01
C PRO B 134 -3.12 0.41 18.65
N TRP B 135 -3.44 -0.70 17.95
CA TRP B 135 -4.84 -1.13 17.67
C TRP B 135 -5.74 -1.29 18.92
N LYS B 136 -5.17 -1.36 20.12
CA LYS B 136 -5.96 -1.34 21.39
C LYS B 136 -6.23 0.08 21.95
N ALA B 137 -5.80 1.13 21.28
CA ALA B 137 -6.18 2.48 21.70
C ALA B 137 -7.73 2.59 21.80
N PRO B 138 -8.24 3.34 22.79
CA PRO B 138 -9.69 3.41 22.94
C PRO B 138 -10.39 3.84 21.66
N LEU B 139 -9.84 4.85 21.00
CA LEU B 139 -10.33 5.40 19.72
C LEU B 139 -9.57 4.90 18.48
N ALA B 140 -9.09 3.64 18.54
CA ALA B 140 -8.29 3.09 17.50
C ALA B 140 -8.90 3.20 16.10
N GLU B 141 -10.15 2.84 15.92
CA GLU B 141 -10.73 2.78 14.58
C GLU B 141 -10.92 4.18 14.03
N GLU B 142 -11.41 5.07 14.88
CA GLU B 142 -11.66 6.43 14.50
C GLU B 142 -10.38 7.14 14.03
N TRP B 143 -9.31 6.99 14.81
CA TRP B 143 -8.03 7.59 14.48
C TRP B 143 -7.40 6.88 13.29
N ASP B 144 -7.55 5.55 13.19
CA ASP B 144 -7.01 4.80 12.06
C ASP B 144 -7.65 5.09 10.69
N ASN B 145 -8.91 5.54 10.72
CA ASN B 145 -9.70 5.83 9.51
C ASN B 145 -9.61 7.24 9.00
N MET B 146 -8.77 8.06 9.61
CA MET B 146 -8.42 9.41 9.17
C MET B 146 -6.95 9.47 8.79
N THR B 147 -6.64 10.33 7.82
CA THR B 147 -5.32 10.64 7.52
C THR B 147 -4.82 11.71 8.50
N MET B 148 -3.51 11.84 8.63
CA MET B 148 -2.97 12.98 9.33
C MET B 148 -3.42 14.29 8.68
N LYS B 149 -3.71 14.30 7.38
CA LYS B 149 -4.23 15.52 6.78
C LYS B 149 -5.57 15.92 7.40
N GLU B 150 -6.47 14.96 7.62
CA GLU B 150 -7.71 15.27 8.28
C GLU B 150 -7.54 15.76 9.71
N LEU B 151 -6.72 15.07 10.49
CA LEU B 151 -6.48 15.49 11.84
C LEU B 151 -6.02 16.96 11.90
N LEU B 152 -5.03 17.32 11.09
CA LEU B 152 -4.48 18.68 11.08
C LEU B 152 -5.51 19.71 10.59
N ASP B 153 -6.38 19.32 9.66
CA ASP B 153 -7.47 20.18 9.22
C ASP B 153 -8.38 20.43 10.40
N LYS B 154 -8.67 19.43 11.22
CA LYS B 154 -9.48 19.65 12.45
C LYS B 154 -8.76 20.49 13.51
N LEU B 155 -7.49 20.17 13.81
CA LEU B 155 -6.78 20.75 14.93
C LEU B 155 -6.27 22.18 14.77
N CYS B 156 -5.73 22.48 13.60
CA CYS B 156 -5.01 23.69 13.37
C CYS B 156 -5.92 24.77 12.80
N TRP B 157 -6.26 25.69 13.68
CA TRP B 157 -7.04 26.88 13.30
C TRP B 157 -6.26 27.99 12.53
N THR B 158 -4.92 27.87 12.43
CA THR B 158 -4.08 28.81 11.69
C THR B 158 -3.27 28.09 10.62
N GLU B 159 -2.99 28.77 9.49
CA GLU B 159 -2.10 28.22 8.41
C GLU B 159 -0.68 27.96 8.89
N SER B 160 -0.14 28.89 9.68
CA SER B 160 1.19 28.76 10.26
C SER B 160 1.37 27.45 11.03
N ALA B 161 0.43 27.10 11.89
CA ALA B 161 0.51 25.80 12.58
C ALA B 161 0.34 24.60 11.64
N LYS B 162 -0.58 24.73 10.67
CA LYS B 162 -0.85 23.62 9.77
C LYS B 162 0.39 23.26 8.92
N GLN B 163 1.07 24.27 8.39
CA GLN B 163 2.30 24.12 7.63
C GLN B 163 3.49 23.54 8.45
N LEU B 164 3.67 24.02 9.68
CA LEU B 164 4.71 23.49 10.55
C LEU B 164 4.44 22.06 10.98
N ALA B 165 3.18 21.77 11.24
CA ALA B 165 2.81 20.41 11.61
C ALA B 165 2.93 19.47 10.40
N THR B 166 2.72 20.02 9.20
CA THR B 166 2.85 19.25 7.96
C THR B 166 4.34 18.86 7.68
N LEU B 167 5.23 19.83 7.84
CA LEU B 167 6.65 19.62 7.69
C LEU B 167 7.07 18.62 8.76
N PHE B 168 6.52 18.72 9.97
CA PHE B 168 6.83 17.78 11.03
C PHE B 168 6.52 16.34 10.63
N VAL B 169 5.35 16.10 10.02
CA VAL B 169 4.98 14.78 9.50
C VAL B 169 5.92 14.29 8.39
N ASN B 170 6.17 15.18 7.42
CA ASN B 170 7.01 14.88 6.29
C ASN B 170 8.39 14.45 6.75
N LEU B 171 8.92 15.16 7.75
CA LEU B 171 10.27 14.95 8.20
C LEU B 171 10.37 13.67 8.98
N CYS B 172 9.40 13.39 9.84
CA CYS B 172 9.44 12.21 10.69
C CYS B 172 9.25 10.93 9.96
N VAL B 173 8.28 10.85 9.06
CA VAL B 173 7.94 9.56 8.39
C VAL B 173 8.04 9.55 6.83
N THR B 174 8.71 10.57 6.26
CA THR B 174 8.96 10.71 4.79
C THR B 174 7.74 10.47 3.86
N ALA B 175 6.62 11.04 4.27
CA ALA B 175 5.37 10.85 3.61
C ALA B 175 4.50 12.03 3.90
N GLU B 176 3.53 12.15 3.01
CA GLU B 176 2.61 13.24 3.00
C GLU B 176 1.54 12.99 4.09
N THR B 177 1.01 14.08 4.65
CA THR B 177 0.01 13.98 5.69
C THR B 177 -1.22 13.21 5.21
N HIS B 178 -1.52 13.31 3.92
CA HIS B 178 -2.71 12.64 3.35
C HIS B 178 -2.51 11.15 3.06
N GLU B 179 -1.27 10.71 3.10
CA GLU B 179 -0.94 9.29 2.85
C GLU B 179 -0.98 8.41 4.08
N VAL B 180 -0.87 9.01 5.29
CA VAL B 180 -0.67 8.25 6.52
C VAL B 180 -1.85 8.26 7.45
N SER B 181 -2.10 7.12 8.09
CA SER B 181 -3.04 7.00 9.19
C SER B 181 -2.68 7.91 10.39
N ALA B 182 -3.68 8.60 10.92
CA ALA B 182 -3.49 9.40 12.12
C ALA B 182 -3.09 8.57 13.32
N LEU B 183 -3.78 7.45 13.52
CA LEU B 183 -3.41 6.49 14.56
C LEU B 183 -1.95 6.05 14.47
N TRP B 184 -1.50 5.66 13.29
CA TRP B 184 -0.15 5.15 13.11
C TRP B 184 0.88 6.28 13.41
N PHE B 185 0.66 7.46 12.87
CA PHE B 185 1.59 8.56 13.09
C PHE B 185 1.66 8.94 14.56
N LEU B 186 0.53 8.93 15.25
CA LEU B 186 0.50 9.23 16.66
C LEU B 186 1.17 8.14 17.46
N TRP B 187 1.02 6.89 17.04
CA TRP B 187 1.72 5.81 17.69
C TRP B 187 3.24 5.98 17.51
N TYR B 188 3.62 6.32 16.28
CA TYR B 188 5.01 6.50 15.94
C TYR B 188 5.74 7.52 16.82
N VAL B 189 5.14 8.68 16.97
CA VAL B 189 5.70 9.77 17.76
C VAL B 189 5.83 9.35 19.23
N LYS B 190 4.74 8.85 19.75
CA LYS B 190 4.64 8.33 21.09
C LYS B 190 5.65 7.23 21.45
N GLN B 191 5.86 6.27 20.57
CA GLN B 191 6.80 5.20 20.82
C GLN B 191 8.27 5.61 20.67
N CYS B 192 8.51 6.81 20.11
CA CYS B 192 9.78 7.52 20.25
C CYS B 192 9.92 8.40 21.54
N GLY B 193 9.00 8.35 22.48
CA GLY B 193 9.03 9.19 23.66
C GLY B 193 8.31 10.54 23.52
N GLY B 194 7.57 10.76 22.42
CA GLY B 194 6.82 12.01 22.25
C GLY B 194 7.45 13.09 21.35
N THR B 195 6.72 14.17 21.13
CA THR B 195 7.16 15.19 20.19
C THR B 195 8.57 15.75 20.52
N THR B 196 8.79 16.18 21.75
CA THR B 196 10.05 16.83 22.11
C THR B 196 11.22 15.91 21.86
N ARG B 197 11.06 14.66 22.30
CA ARG B 197 12.14 13.71 22.17
C ARG B 197 12.46 13.39 20.67
N ILE B 198 11.42 13.32 19.83
CA ILE B 198 11.64 12.96 18.44
C ILE B 198 12.23 14.09 17.61
N ILE B 199 11.98 15.36 17.93
CA ILE B 199 12.45 16.53 17.10
C ILE B 199 13.73 17.19 17.60
N SER B 200 14.17 16.79 18.78
CA SER B 200 15.32 17.41 19.38
C SER B 200 16.63 16.79 18.96
N THR B 201 17.59 17.67 18.73
CA THR B 201 18.99 17.35 18.61
C THR B 201 19.50 17.17 20.06
N THR B 202 19.71 18.27 20.77
CA THR B 202 20.14 18.15 22.17
C THR B 202 19.03 17.46 22.94
N ASN B 203 19.40 16.36 23.61
CA ASN B 203 18.50 15.56 24.41
C ASN B 203 17.41 14.82 23.62
N GLY B 204 17.63 14.57 22.33
CA GLY B 204 16.64 13.89 21.51
C GLY B 204 17.24 12.94 20.53
N GLY B 205 16.45 12.48 19.58
CA GLY B 205 16.94 11.51 18.59
C GLY B 205 18.10 11.93 17.68
N GLN B 206 18.34 13.23 17.54
CA GLN B 206 19.40 13.70 16.65
C GLN B 206 20.62 14.19 17.42
N GLU B 207 20.79 13.80 18.68
CA GLU B 207 21.91 14.26 19.46
C GLU B 207 23.30 13.85 18.92
N ARG B 208 23.40 12.65 18.38
CA ARG B 208 24.66 12.05 18.17
C ARG B 208 24.74 11.29 16.89
N LYS B 209 25.99 11.14 16.45
CA LYS B 209 26.37 10.23 15.38
C LYS B 209 27.54 9.37 15.83
N PHE B 210 27.80 8.34 15.05
CA PHE B 210 28.90 7.46 15.33
C PHE B 210 30.18 7.93 14.64
N VAL B 211 31.29 8.01 15.38
CA VAL B 211 32.59 8.26 14.81
C VAL B 211 32.88 7.11 13.82
N GLY B 212 33.10 7.48 12.56
CA GLY B 212 33.42 6.53 11.50
C GLY B 212 32.20 6.05 10.72
N GLY B 213 30.97 6.40 11.15
CA GLY B 213 29.80 5.95 10.45
C GLY B 213 29.03 4.84 11.16
N SER B 214 27.73 4.83 10.94
CA SER B 214 26.85 3.81 11.52
C SER B 214 26.94 2.48 10.78
N GLY B 215 27.39 2.48 9.53
CA GLY B 215 27.63 1.22 8.85
C GLY B 215 28.63 0.26 9.50
N GLN B 216 29.49 0.80 10.37
CA GLN B 216 30.41 -0.03 11.15
C GLN B 216 29.71 -1.01 12.08
N VAL B 217 28.50 -0.72 12.48
CA VAL B 217 27.75 -1.65 13.30
C VAL B 217 27.52 -2.97 12.58
N SER B 218 26.99 -2.91 11.39
CA SER B 218 26.77 -4.11 10.66
C SER B 218 28.04 -4.75 10.18
N GLU B 219 28.95 -3.94 9.64
CA GLU B 219 30.28 -4.41 9.21
C GLU B 219 31.03 -5.22 10.31
N ARG B 220 31.03 -4.71 11.52
CA ARG B 220 31.75 -5.33 12.62
C ARG B 220 31.08 -6.58 13.19
N ILE B 221 29.77 -6.67 13.03
CA ILE B 221 29.07 -7.86 13.40
C ILE B 221 29.37 -8.89 12.35
N MET B 222 29.42 -8.51 11.08
CA MET B 222 29.84 -9.41 10.04
C MET B 222 31.32 -9.87 10.26
N ASP B 223 32.17 -8.98 10.74
CA ASP B 223 33.56 -9.36 11.16
C ASP B 223 33.52 -10.52 12.24
N LEU B 224 32.65 -10.39 13.23
CA LEU B 224 32.44 -11.38 14.29
C LEU B 224 31.85 -12.72 13.85
N LEU B 225 31.09 -12.74 12.76
CA LEU B 225 30.46 -13.96 12.33
C LEU B 225 31.25 -14.68 11.23
N GLY B 226 32.33 -14.06 10.75
CA GLY B 226 33.13 -14.55 9.61
C GLY B 226 32.32 -14.97 8.42
N ASP B 227 32.54 -16.21 8.00
CA ASP B 227 31.92 -16.74 6.78
C ASP B 227 30.43 -17.15 6.91
N ARG B 228 29.83 -16.94 8.08
CA ARG B 228 28.42 -17.18 8.29
C ARG B 228 27.43 -16.17 7.58
N VAL B 229 27.96 -15.02 7.14
CA VAL B 229 27.23 -14.05 6.36
C VAL B 229 27.44 -14.30 4.85
N LYS B 230 26.36 -14.50 4.11
CA LYS B 230 26.42 -14.75 2.67
C LYS B 230 25.88 -13.51 1.96
N LEU B 231 26.77 -12.79 1.29
CA LEU B 231 26.46 -11.60 0.58
C LEU B 231 25.96 -12.02 -0.77
N GLU B 232 25.10 -11.21 -1.40
CA GLU B 232 24.49 -11.56 -2.74
C GLU B 232 23.74 -12.89 -2.75
N ARG B 233 23.05 -13.16 -1.63
CA ARG B 233 22.15 -14.28 -1.47
C ARG B 233 20.72 -13.76 -1.23
N PRO B 234 20.05 -13.27 -2.28
CA PRO B 234 18.69 -12.92 -2.08
C PRO B 234 17.82 -14.18 -1.87
N VAL B 235 17.05 -14.22 -0.80
CA VAL B 235 16.14 -15.33 -0.53
C VAL B 235 14.92 -15.16 -1.42
N ILE B 236 14.52 -16.27 -2.06
CA ILE B 236 13.38 -16.34 -3.01
C ILE B 236 12.28 -17.31 -2.63
N TYR B 237 12.56 -18.24 -1.72
CA TYR B 237 11.67 -19.34 -1.44
C TYR B 237 11.94 -19.88 -0.05
N ILE B 238 10.91 -19.93 0.77
CA ILE B 238 10.96 -20.56 2.06
C ILE B 238 9.89 -21.70 2.11
N ASP B 239 10.35 -22.93 2.39
CA ASP B 239 9.48 -24.13 2.45
C ASP B 239 9.40 -24.63 3.89
N GLN B 240 8.22 -24.57 4.49
CA GLN B 240 8.05 -25.08 5.85
C GLN B 240 7.27 -26.40 5.95
N THR B 241 7.03 -27.10 4.84
CA THR B 241 6.17 -28.31 4.85
C THR B 241 6.85 -29.52 5.51
N ARG B 242 8.19 -29.59 5.38
CA ARG B 242 9.02 -30.75 5.80
C ARG B 242 9.51 -30.68 7.26
N GLU B 243 10.46 -31.55 7.61
CA GLU B 243 11.05 -31.67 8.98
C GLU B 243 11.80 -30.39 9.44
N ASN B 244 12.82 -30.01 8.67
CA ASN B 244 13.56 -28.76 8.85
C ASN B 244 13.02 -27.73 7.87
N VAL B 245 13.20 -26.42 8.18
CA VAL B 245 12.82 -25.32 7.25
C VAL B 245 13.86 -25.23 6.12
N LEU B 246 13.41 -25.06 4.88
CA LEU B 246 14.28 -24.92 3.70
C LEU B 246 14.19 -23.51 3.11
N VAL B 247 15.35 -22.91 2.83
CA VAL B 247 15.44 -21.54 2.38
C VAL B 247 16.30 -21.49 1.17
N GLU B 248 15.74 -21.07 0.04
CA GLU B 248 16.50 -21.07 -1.22
C GLU B 248 16.87 -19.62 -1.63
N THR B 249 18.08 -19.45 -2.17
CA THR B 249 18.53 -18.17 -2.67
C THR B 249 18.40 -18.06 -4.20
N LEU B 250 18.57 -16.83 -4.71
CA LEU B 250 18.46 -16.54 -6.12
C LEU B 250 19.57 -17.20 -6.94
N ASN B 251 20.82 -17.08 -6.47
CA ASN B 251 21.99 -17.88 -6.96
C ASN B 251 21.96 -19.39 -6.64
N HIS B 252 20.77 -19.97 -6.43
CA HIS B 252 20.55 -21.43 -6.38
C HIS B 252 20.93 -22.24 -5.11
N GLU B 253 21.48 -21.59 -4.08
CA GLU B 253 21.87 -22.31 -2.89
C GLU B 253 20.67 -22.67 -2.03
N MET B 254 20.78 -23.75 -1.26
CA MET B 254 19.76 -24.24 -0.35
C MET B 254 20.34 -24.25 1.07
N TYR B 255 19.59 -23.68 2.01
CA TYR B 255 19.96 -23.60 3.40
C TYR B 255 18.85 -24.29 4.15
N GLU B 256 19.19 -24.91 5.25
CA GLU B 256 18.25 -25.78 5.93
C GLU B 256 18.44 -25.51 7.37
N ALA B 257 17.35 -25.30 8.07
CA ALA B 257 17.43 -24.90 9.47
C ALA B 257 16.18 -25.26 10.26
N LYS B 258 16.28 -25.11 11.57
CA LYS B 258 15.16 -25.34 12.44
C LYS B 258 14.23 -24.16 12.47
N TYR B 259 14.81 -22.95 12.32
CA TYR B 259 14.05 -21.71 12.49
C TYR B 259 14.58 -20.67 11.54
N VAL B 260 13.71 -19.72 11.22
CA VAL B 260 14.07 -18.58 10.39
C VAL B 260 13.67 -17.31 11.09
N ILE B 261 14.50 -16.28 10.92
CA ILE B 261 14.19 -14.94 11.27
C ILE B 261 14.18 -14.17 9.96
N SER B 262 13.04 -13.50 9.73
CA SER B 262 12.87 -12.57 8.65
C SER B 262 13.14 -11.17 9.20
N ALA B 263 14.29 -10.62 8.81
CA ALA B 263 14.76 -9.34 9.27
C ALA B 263 14.79 -8.31 8.08
N ILE B 264 13.70 -8.31 7.32
CA ILE B 264 13.53 -7.43 6.18
C ILE B 264 12.30 -6.55 6.40
N PRO B 265 12.23 -5.39 5.76
CA PRO B 265 10.96 -4.63 5.84
C PRO B 265 9.75 -5.48 5.40
N PRO B 266 8.62 -5.38 6.12
CA PRO B 266 7.43 -6.19 5.82
C PRO B 266 7.08 -6.35 4.34
N THR B 267 6.99 -5.24 3.62
CA THR B 267 6.61 -5.37 2.23
C THR B 267 7.58 -6.22 1.41
N LEU B 268 8.87 -6.28 1.81
CA LEU B 268 9.88 -7.06 1.12
C LEU B 268 9.72 -8.55 1.25
N GLY B 269 8.94 -8.98 2.24
CA GLY B 269 8.33 -10.30 2.26
C GLY B 269 7.70 -10.78 0.94
N MET B 270 7.16 -9.85 0.17
CA MET B 270 6.56 -10.17 -1.10
C MET B 270 7.56 -10.80 -2.09
N LYS B 271 8.85 -10.45 -1.96
CA LYS B 271 9.87 -11.00 -2.85
C LYS B 271 10.19 -12.50 -2.61
N ILE B 272 9.54 -13.11 -1.63
CA ILE B 272 9.73 -14.48 -1.23
C ILE B 272 8.45 -15.32 -1.57
N HIS B 273 8.62 -16.45 -2.24
CA HIS B 273 7.53 -17.40 -2.45
C HIS B 273 7.53 -18.38 -1.29
N PHE B 274 6.40 -18.51 -0.63
CA PHE B 274 6.27 -19.34 0.56
C PHE B 274 5.46 -20.59 0.24
N ASN B 275 5.82 -21.68 0.92
CA ASN B 275 5.16 -22.96 0.81
C ASN B 275 5.21 -23.52 2.25
N PRO B 276 4.08 -23.74 2.93
CA PRO B 276 2.73 -23.45 2.43
C PRO B 276 2.51 -21.95 2.30
N PRO B 277 1.52 -21.54 1.48
CA PRO B 277 1.21 -20.11 1.40
C PRO B 277 1.11 -19.48 2.80
N LEU B 278 1.47 -18.20 2.87
CA LEU B 278 1.27 -17.44 4.09
C LEU B 278 -0.21 -17.45 4.51
N PRO B 279 -0.46 -17.45 5.84
CA PRO B 279 -1.84 -17.20 6.29
C PRO B 279 -2.39 -15.91 5.66
N MET B 280 -3.70 -15.86 5.52
CA MET B 280 -4.39 -14.80 4.81
C MET B 280 -3.98 -13.37 5.20
N MET B 281 -3.99 -13.10 6.49
CA MET B 281 -3.77 -11.77 6.98
C MET B 281 -2.38 -11.27 6.65
N ARG B 282 -1.36 -12.10 6.82
CA ARG B 282 0.00 -11.74 6.41
C ARG B 282 0.10 -11.57 4.89
N ASN B 283 -0.51 -12.49 4.14
CA ASN B 283 -0.50 -12.44 2.65
C ASN B 283 -0.95 -11.08 2.18
N GLN B 284 -1.97 -10.53 2.80
CA GLN B 284 -2.44 -9.17 2.43
C GLN B 284 -1.72 -8.02 3.11
N MET B 285 -1.34 -8.17 4.37
CA MET B 285 -0.60 -7.12 5.11
C MET B 285 0.61 -6.65 4.34
N ILE B 286 1.39 -7.56 3.79
CA ILE B 286 2.66 -7.23 3.11
C ILE B 286 2.56 -6.50 1.74
N THR B 287 1.32 -6.31 1.27
CA THR B 287 1.00 -5.44 0.14
C THR B 287 0.44 -4.10 0.58
N ARG B 288 0.31 -3.90 1.87
CA ARG B 288 -0.36 -2.71 2.36
C ARG B 288 0.52 -1.72 3.09
N VAL B 289 1.85 -1.90 3.05
CA VAL B 289 2.75 -1.22 3.99
C VAL B 289 3.97 -0.71 3.26
N PRO B 290 3.84 0.37 2.49
CA PRO B 290 4.98 0.88 1.82
C PRO B 290 5.93 1.59 2.78
N LEU B 291 7.10 1.90 2.24
CA LEU B 291 8.04 2.78 2.90
C LEU B 291 8.05 4.15 2.16
N GLY B 292 8.44 5.16 2.92
CA GLY B 292 8.53 6.54 2.45
C GLY B 292 9.64 6.77 1.45
N SER B 293 9.81 8.05 1.12
CA SER B 293 10.60 8.47 0.01
C SER B 293 11.46 9.62 0.47
N VAL B 294 12.77 9.46 0.35
CA VAL B 294 13.73 10.44 0.79
C VAL B 294 15.03 10.37 -0.04
N ILE B 295 15.62 11.53 -0.29
CA ILE B 295 16.96 11.65 -0.80
C ILE B 295 17.73 12.33 0.32
N LYS B 296 18.78 11.67 0.77
CA LYS B 296 19.66 12.27 1.69
C LYS B 296 20.81 12.94 0.91
N CYS B 297 21.07 14.21 1.22
CA CYS B 297 21.96 15.09 0.47
C CYS B 297 22.91 15.76 1.41
N ILE B 298 24.21 15.72 1.10
CA ILE B 298 25.24 16.37 1.92
C ILE B 298 26.13 17.22 1.04
N VAL B 299 26.17 18.53 1.33
CA VAL B 299 27.00 19.51 0.61
C VAL B 299 28.21 19.86 1.49
N TYR B 300 29.41 19.74 0.91
CA TYR B 300 30.66 20.02 1.61
C TYR B 300 31.16 21.42 1.31
N TYR B 301 31.72 22.06 2.32
CA TYR B 301 32.28 23.39 2.19
C TYR B 301 33.65 23.37 2.85
N LYS B 302 34.48 24.32 2.50
CA LYS B 302 35.86 24.44 3.00
C LYS B 302 35.88 24.67 4.54
N GLU B 303 34.89 25.41 5.05
CA GLU B 303 34.78 25.72 6.46
C GLU B 303 33.31 25.73 6.88
N PRO B 304 33.05 25.49 8.17
CA PRO B 304 31.68 25.64 8.63
C PRO B 304 31.32 27.12 8.84
N PHE B 305 31.17 27.85 7.75
CA PHE B 305 31.10 29.33 7.76
C PHE B 305 29.86 29.84 8.51
N TRP B 306 28.81 29.05 8.53
CA TRP B 306 27.63 29.33 9.35
C TRP B 306 27.89 29.61 10.86
N ARG B 307 28.87 28.97 11.46
CA ARG B 307 29.23 29.19 12.83
C ARG B 307 29.71 30.61 13.10
N LYS B 308 30.35 31.22 12.14
CA LYS B 308 30.79 32.63 12.25
C LYS B 308 29.63 33.61 12.42
N LYS B 309 28.45 33.28 11.91
CA LYS B 309 27.30 34.12 12.00
C LYS B 309 26.42 33.69 13.16
N ASP B 310 26.94 32.78 14.00
CA ASP B 310 26.22 32.28 15.16
C ASP B 310 24.95 31.47 14.73
N TYR B 311 25.14 30.65 13.70
CA TYR B 311 24.20 29.65 13.26
C TYR B 311 24.85 28.29 13.42
N CYS B 312 24.09 27.35 13.99
CA CYS B 312 24.56 26.00 14.15
C CYS B 312 24.52 25.17 12.87
N GLY B 313 23.66 25.55 11.92
CA GLY B 313 23.53 24.83 10.66
C GLY B 313 22.21 24.11 10.50
N THR B 314 21.44 24.06 11.60
CA THR B 314 20.08 23.52 11.57
C THR B 314 19.16 24.58 10.93
N MET B 315 18.43 24.20 9.91
CA MET B 315 17.51 25.06 9.24
C MET B 315 16.17 24.33 9.14
N ILE B 316 15.11 24.98 9.55
CA ILE B 316 13.74 24.50 9.31
C ILE B 316 13.12 25.46 8.30
N ILE B 317 12.73 24.92 7.15
CA ILE B 317 12.50 25.75 5.98
C ILE B 317 11.10 25.51 5.52
N ASP B 318 10.21 26.50 5.69
CA ASP B 318 8.80 26.30 5.29
C ASP B 318 8.62 26.34 3.76
N GLY B 319 7.60 25.66 3.26
CA GLY B 319 7.02 25.99 1.95
C GLY B 319 7.34 25.00 0.83
N GLU B 320 6.58 25.11 -0.25
CA GLU B 320 6.63 24.20 -1.36
C GLU B 320 7.88 24.36 -2.23
N GLU B 321 8.40 25.57 -2.33
CA GLU B 321 9.53 25.84 -3.23
C GLU B 321 10.85 25.26 -2.74
N ALA B 322 11.04 25.18 -1.43
CA ALA B 322 12.28 24.67 -0.89
C ALA B 322 12.48 23.19 -1.26
N PRO B 323 13.62 22.86 -1.85
CA PRO B 323 13.85 21.41 -2.07
C PRO B 323 14.01 20.60 -0.75
N VAL B 324 14.54 21.26 0.27
CA VAL B 324 14.90 20.67 1.54
C VAL B 324 14.18 21.46 2.62
N ALA B 325 13.56 20.77 3.56
CA ALA B 325 12.86 21.42 4.65
C ALA B 325 13.58 21.45 5.95
N TYR B 326 14.65 20.66 6.03
CA TYR B 326 15.34 20.45 7.28
C TYR B 326 16.78 20.06 7.01
N THR B 327 17.69 20.78 7.68
CA THR B 327 19.10 20.57 7.60
C THR B 327 19.72 20.40 8.96
N LEU B 328 20.86 19.73 9.02
CA LEU B 328 21.72 19.72 10.20
C LEU B 328 23.17 19.87 9.74
N ASP B 329 23.98 20.42 10.63
CA ASP B 329 25.42 20.46 10.49
C ASP B 329 25.95 19.03 10.45
N ASP B 330 26.70 18.72 9.41
CA ASP B 330 27.30 17.40 9.28
C ASP B 330 28.81 17.45 9.38
N THR B 331 29.35 18.52 9.99
CA THR B 331 30.79 18.65 10.16
C THR B 331 31.28 17.59 11.12
N LYS B 332 32.47 17.04 10.90
CA LYS B 332 33.16 16.07 11.81
C LYS B 332 33.47 16.72 13.14
N PRO B 333 33.66 15.94 14.21
CA PRO B 333 33.86 16.59 15.53
C PRO B 333 35.10 17.46 15.62
N GLU B 334 36.06 17.23 14.72
CA GLU B 334 37.30 18.01 14.65
C GLU B 334 37.12 19.41 14.03
N GLY B 335 35.99 19.66 13.38
CA GLY B 335 35.69 20.97 12.72
C GLY B 335 36.10 20.99 11.28
N ASN B 336 36.39 19.82 10.75
CA ASN B 336 36.83 19.70 9.38
C ASN B 336 35.83 18.83 8.62
N TYR B 337 36.04 18.75 7.32
CA TYR B 337 35.07 18.21 6.39
C TYR B 337 33.70 18.93 6.60
N ALA B 338 33.73 20.26 6.65
CA ALA B 338 32.54 21.07 6.89
C ALA B 338 31.43 20.66 5.93
N ALA B 339 30.23 20.54 6.45
CA ALA B 339 29.12 20.04 5.64
C ALA B 339 27.76 20.33 6.21
N ILE B 340 26.78 20.37 5.31
CA ILE B 340 25.38 20.55 5.66
C ILE B 340 24.62 19.35 5.08
N MET B 341 23.84 18.73 5.94
CA MET B 341 23.01 17.59 5.56
C MET B 341 21.58 18.06 5.37
N GLY B 342 20.95 17.62 4.28
CA GLY B 342 19.54 17.90 4.10
C GLY B 342 18.81 16.73 3.53
N PHE B 343 17.49 16.71 3.78
CA PHE B 343 16.59 15.65 3.34
C PHE B 343 15.62 16.20 2.35
N ILE B 344 15.54 15.62 1.17
CA ILE B 344 14.53 16.00 0.19
C ILE B 344 13.41 15.00 0.37
N LEU B 345 12.28 15.44 0.88
CA LEU B 345 11.26 14.56 1.50
C LEU B 345 10.04 14.30 0.62
N ALA B 346 9.58 13.05 0.56
CA ALA B 346 8.20 12.72 0.15
C ALA B 346 7.96 13.09 -1.32
N HIS B 347 6.97 13.95 -1.63
CA HIS B 347 6.71 14.25 -3.03
C HIS B 347 7.85 15.03 -3.71
N LYS B 348 8.63 15.79 -2.92
CA LYS B 348 9.78 16.52 -3.48
C LYS B 348 10.88 15.58 -3.90
N ALA B 349 10.94 14.43 -3.24
CA ALA B 349 11.85 13.39 -3.70
C ALA B 349 11.43 12.83 -5.03
N ARG B 350 10.13 12.62 -5.26
CA ARG B 350 9.67 12.07 -6.57
C ARG B 350 9.95 13.06 -7.66
N LYS B 351 9.63 14.32 -7.39
CA LYS B 351 9.78 15.44 -8.35
C LYS B 351 11.23 15.76 -8.70
N LEU B 352 12.12 15.88 -7.70
CA LEU B 352 13.52 16.35 -7.93
C LEU B 352 14.46 15.25 -8.36
N ALA B 353 14.01 14.00 -8.31
CA ALA B 353 14.83 12.89 -8.80
C ALA B 353 15.01 12.86 -10.29
N ARG B 354 14.11 13.49 -11.05
CA ARG B 354 14.27 13.68 -12.53
C ARG B 354 15.43 14.60 -12.91
N LEU B 355 15.85 15.47 -11.99
CA LEU B 355 17.01 16.36 -12.21
C LEU B 355 18.33 15.59 -12.20
N THR B 356 19.40 16.21 -12.67
CA THR B 356 20.73 15.65 -12.50
C THR B 356 21.24 15.92 -11.10
N LYS B 357 22.29 15.20 -10.78
CA LYS B 357 23.03 15.38 -9.54
C LYS B 357 23.49 16.84 -9.41
N GLU B 358 24.08 17.41 -10.46
CA GLU B 358 24.57 18.79 -10.45
C GLU B 358 23.40 19.78 -10.29
N GLU B 359 22.27 19.51 -10.94
CA GLU B 359 21.12 20.41 -10.83
C GLU B 359 20.58 20.45 -9.38
N ARG B 360 20.50 19.29 -8.72
CA ARG B 360 20.14 19.24 -7.34
C ARG B 360 21.13 20.06 -6.47
N LEU B 361 22.43 19.97 -6.77
CA LEU B 361 23.46 20.69 -6.01
C LEU B 361 23.25 22.19 -6.02
N LYS B 362 23.08 22.70 -7.22
CA LYS B 362 22.79 24.09 -7.47
C LYS B 362 21.55 24.58 -6.70
N LYS B 363 20.43 23.88 -6.80
CA LYS B 363 19.23 24.29 -6.05
C LYS B 363 19.43 24.38 -4.51
N LEU B 364 20.16 23.39 -3.98
CA LEU B 364 20.49 23.33 -2.56
C LEU B 364 21.41 24.45 -2.10
N CYS B 365 22.47 24.68 -2.85
CA CYS B 365 23.39 25.76 -2.64
C CYS B 365 22.70 27.13 -2.61
N GLU B 366 21.80 27.34 -3.58
CA GLU B 366 21.03 28.56 -3.64
C GLU B 366 20.06 28.70 -2.46
N LEU B 367 19.44 27.61 -2.05
CA LEU B 367 18.60 27.66 -0.90
C LEU B 367 19.38 28.02 0.38
N TYR B 368 20.45 27.28 0.60
CA TYR B 368 21.26 27.51 1.73
C TYR B 368 21.83 28.91 1.79
N ALA B 369 22.16 29.49 0.64
CA ALA B 369 22.71 30.82 0.64
C ALA B 369 21.64 31.82 1.09
N LYS B 370 20.39 31.56 0.68
CA LYS B 370 19.28 32.40 1.04
C LYS B 370 19.01 32.28 2.53
N VAL B 371 18.97 31.05 3.05
CA VAL B 371 18.57 30.83 4.45
C VAL B 371 19.67 31.26 5.42
N LEU B 372 20.90 30.88 5.12
CA LEU B 372 22.03 31.29 5.92
C LEU B 372 22.49 32.70 5.62
N GLY B 373 22.05 33.26 4.52
CA GLY B 373 22.40 34.62 4.14
C GLY B 373 23.86 34.78 3.88
N SER B 374 24.50 33.80 3.20
CA SER B 374 25.92 33.89 2.82
C SER B 374 26.15 33.39 1.43
N LEU B 375 27.03 34.12 0.73
CA LEU B 375 27.52 33.70 -0.55
C LEU B 375 28.45 32.50 -0.42
N GLU B 376 28.97 32.25 0.76
CA GLU B 376 29.85 31.11 0.94
C GLU B 376 29.13 29.82 0.59
N ALA B 377 27.81 29.78 0.70
CA ALA B 377 27.01 28.60 0.35
C ALA B 377 26.94 28.22 -1.14
N LEU B 378 27.38 29.16 -1.99
CA LEU B 378 27.42 29.01 -3.42
C LEU B 378 28.68 28.36 -3.96
N GLU B 379 29.63 28.08 -3.06
CA GLU B 379 31.00 27.65 -3.35
C GLU B 379 31.26 26.28 -2.69
N PRO B 380 30.46 25.26 -3.02
CA PRO B 380 30.70 23.92 -2.44
C PRO B 380 31.94 23.23 -3.02
N VAL B 381 32.61 22.41 -2.22
CA VAL B 381 33.85 21.73 -2.62
C VAL B 381 33.61 20.26 -2.99
N HIS B 382 32.47 19.71 -2.54
CA HIS B 382 32.08 18.33 -2.79
C HIS B 382 30.58 18.17 -2.49
N TYR B 383 29.98 17.14 -3.08
CA TYR B 383 28.59 16.78 -2.91
C TYR B 383 28.39 15.28 -2.87
N GLU B 384 27.54 14.77 -2.00
CA GLU B 384 27.18 13.35 -1.98
C GLU B 384 25.67 13.24 -1.71
N GLU B 385 25.02 12.29 -2.35
CA GLU B 385 23.60 12.06 -2.18
C GLU B 385 23.25 10.61 -2.36
N LYS B 386 22.11 10.19 -1.79
CA LYS B 386 21.52 8.91 -2.04
C LYS B 386 19.99 8.97 -2.03
N ASN B 387 19.41 8.49 -3.12
CA ASN B 387 18.01 8.34 -3.28
C ASN B 387 17.58 6.93 -2.88
N TRP B 388 16.93 6.81 -1.73
CA TRP B 388 16.56 5.49 -1.25
C TRP B 388 15.34 4.78 -1.94
N CYS B 389 14.59 5.53 -2.73
CA CYS B 389 13.41 5.06 -3.42
C CYS B 389 13.79 4.07 -4.54
N GLU B 390 15.01 4.19 -5.04
CA GLU B 390 15.45 3.35 -6.14
C GLU B 390 15.98 1.98 -5.70
N GLU B 391 16.06 1.75 -4.38
CA GLU B 391 16.59 0.52 -3.79
C GLU B 391 15.62 -0.67 -3.76
N GLN B 392 15.86 -1.65 -4.62
CA GLN B 392 15.12 -2.90 -4.64
C GLN B 392 14.98 -3.63 -3.26
N TYR B 393 16.03 -3.62 -2.45
CA TYR B 393 16.03 -4.36 -1.21
C TYR B 393 15.88 -3.50 0.07
N SER B 394 15.47 -2.25 -0.10
CA SER B 394 14.95 -1.44 1.02
C SER B 394 13.49 -1.06 0.75
N GLY B 395 13.20 -0.58 -0.48
CA GLY B 395 11.88 -0.09 -0.84
C GLY B 395 11.57 1.37 -0.48
N GLY B 396 12.52 2.05 0.16
CA GLY B 396 12.36 3.41 0.63
C GLY B 396 13.08 3.62 1.95
N CYS B 397 12.81 4.74 2.57
CA CYS B 397 13.42 5.16 3.84
C CYS B 397 12.56 6.24 4.40
N TYR B 398 12.56 6.48 5.72
CA TYR B 398 13.39 5.78 6.68
C TYR B 398 12.84 4.37 6.97
N THR B 399 11.50 4.30 6.90
CA THR B 399 10.73 3.21 7.45
C THR B 399 9.41 3.01 6.74
N THR B 400 8.72 1.99 7.19
CA THR B 400 7.43 1.63 6.68
C THR B 400 6.37 2.55 7.28
N TYR B 401 5.44 3.03 6.46
CA TYR B 401 4.32 3.81 6.99
C TYR B 401 3.04 3.05 6.75
N PHE B 402 2.07 3.31 7.60
CA PHE B 402 0.74 2.72 7.46
C PHE B 402 -0.32 3.69 6.95
N PRO B 403 -0.90 3.38 5.77
CA PRO B 403 -2.04 4.16 5.30
C PRO B 403 -3.30 3.99 6.13
N PRO B 404 -4.29 4.86 5.91
CA PRO B 404 -5.51 4.76 6.71
C PRO B 404 -6.22 3.42 6.58
N GLY B 405 -6.66 2.91 7.74
CA GLY B 405 -7.32 1.65 7.88
C GLY B 405 -6.44 0.41 8.11
N ILE B 406 -5.15 0.47 7.82
CA ILE B 406 -4.34 -0.75 7.83
C ILE B 406 -3.89 -1.22 9.21
N LEU B 407 -3.45 -0.28 10.06
CA LEU B 407 -2.88 -0.65 11.33
C LEU B 407 -3.85 -1.44 12.20
N THR B 408 -5.11 -1.03 12.24
CA THR B 408 -6.18 -1.74 13.02
C THR B 408 -6.60 -3.07 12.43
N GLN B 409 -6.55 -3.20 11.11
CA GLN B 409 -6.92 -4.47 10.46
C GLN B 409 -5.82 -5.50 10.41
N TYR B 410 -4.57 -5.07 10.25
CA TYR B 410 -3.43 -5.99 10.04
C TYR B 410 -2.30 -5.82 11.03
N GLY B 411 -2.37 -4.80 11.89
CA GLY B 411 -1.23 -4.51 12.78
C GLY B 411 -0.82 -5.68 13.67
N ARG B 412 -1.79 -6.45 14.15
CA ARG B 412 -1.52 -7.59 15.02
C ARG B 412 -0.65 -8.65 14.38
N VAL B 413 -0.60 -8.69 13.03
CA VAL B 413 0.10 -9.78 12.36
C VAL B 413 1.59 -9.50 12.20
N LEU B 414 2.02 -8.26 12.38
CA LEU B 414 3.42 -7.89 12.06
C LEU B 414 4.47 -8.77 12.71
N ARG B 415 4.37 -8.99 14.00
CA ARG B 415 5.31 -9.86 14.66
C ARG B 415 4.84 -11.27 15.05
N GLN B 416 3.66 -11.63 14.60
CA GLN B 416 3.16 -12.95 14.86
C GLN B 416 3.94 -14.01 14.04
N PRO B 417 4.55 -14.98 14.74
CA PRO B 417 5.26 -16.06 14.03
C PRO B 417 4.36 -16.82 13.04
N VAL B 418 4.91 -17.16 11.89
CA VAL B 418 4.28 -18.04 10.93
C VAL B 418 5.06 -19.32 11.02
N ASP B 419 4.52 -20.25 11.81
CA ASP B 419 5.11 -21.59 12.07
C ASP B 419 6.52 -21.47 12.66
N ARG B 420 7.57 -21.67 11.87
CA ARG B 420 8.96 -21.54 12.40
C ARG B 420 9.71 -20.28 11.83
N ILE B 421 8.95 -19.31 11.29
CA ILE B 421 9.47 -17.99 10.86
C ILE B 421 9.09 -16.99 11.94
N TYR B 422 10.09 -16.33 12.55
CA TYR B 422 9.84 -15.25 13.48
C TYR B 422 10.21 -13.94 12.79
N PHE B 423 9.66 -12.82 13.27
CA PHE B 423 9.78 -11.57 12.52
C PHE B 423 10.55 -10.52 13.28
N ALA B 424 11.63 -10.03 12.64
CA ALA B 424 12.42 -8.95 13.23
C ALA B 424 12.31 -7.76 12.24
N GLY B 425 13.28 -6.87 12.30
CA GLY B 425 13.24 -5.65 11.53
C GLY B 425 12.65 -4.54 12.35
N THR B 426 13.11 -3.31 12.07
CA THR B 426 12.75 -2.17 12.93
C THR B 426 11.24 -1.92 13.02
N GLU B 427 10.53 -2.30 11.97
CA GLU B 427 9.07 -2.16 11.91
C GLU B 427 8.31 -2.94 12.99
N THR B 428 8.90 -3.99 13.55
CA THR B 428 8.28 -4.83 14.56
C THR B 428 8.64 -4.43 15.98
N ALA B 429 9.35 -3.33 16.15
CA ALA B 429 9.73 -2.87 17.46
C ALA B 429 8.65 -2.11 18.15
N THR B 430 8.82 -1.93 19.45
CA THR B 430 7.91 -1.14 20.28
C THR B 430 8.50 0.15 20.88
N HIS B 431 9.79 0.41 20.71
CA HIS B 431 10.39 1.65 21.22
C HIS B 431 11.38 2.07 20.13
N TRP B 432 11.22 3.27 19.59
CA TRP B 432 11.96 3.73 18.42
C TRP B 432 11.89 2.81 17.22
N SER B 433 10.76 2.17 17.03
CA SER B 433 10.53 1.52 15.77
C SER B 433 10.74 2.54 14.69
N GLY B 434 11.39 2.11 13.63
CA GLY B 434 11.72 2.96 12.53
C GLY B 434 13.17 3.38 12.52
N TYR B 435 13.83 3.25 13.67
CA TYR B 435 15.20 3.67 13.94
C TYR B 435 16.18 2.50 14.08
N MET B 436 17.47 2.78 14.06
CA MET B 436 18.47 1.74 14.32
C MET B 436 18.19 1.09 15.69
N GLU B 437 17.79 1.87 16.67
CA GLU B 437 17.43 1.33 17.99
C GLU B 437 16.31 0.26 17.91
N GLY B 438 15.23 0.56 17.20
CA GLY B 438 14.23 -0.45 16.94
C GLY B 438 14.74 -1.69 16.23
N ALA B 439 15.64 -1.54 15.31
CA ALA B 439 16.17 -2.69 14.63
C ALA B 439 16.85 -3.70 15.61
N VAL B 440 17.60 -3.14 16.56
CA VAL B 440 18.27 -3.90 17.62
C VAL B 440 17.27 -4.53 18.57
N GLU B 441 16.30 -3.77 19.04
CA GLU B 441 15.24 -4.31 19.91
C GLU B 441 14.59 -5.56 19.28
N ALA B 442 14.22 -5.44 18.02
CA ALA B 442 13.46 -6.44 17.31
C ALA B 442 14.30 -7.59 16.93
N GLY B 443 15.55 -7.40 16.55
CA GLY B 443 16.46 -8.53 16.26
C GLY B 443 16.70 -9.45 17.47
N GLU B 444 17.00 -8.81 18.59
CA GLU B 444 17.28 -9.47 19.82
C GLU B 444 16.03 -10.15 20.39
N ARG B 445 14.85 -9.51 20.27
CA ARG B 445 13.57 -10.12 20.65
C ARG B 445 13.20 -11.36 19.77
N ALA B 446 13.39 -11.28 18.45
CA ALA B 446 13.04 -12.39 17.59
C ALA B 446 13.95 -13.53 17.92
N ALA B 447 15.23 -13.22 18.14
CA ALA B 447 16.23 -14.21 18.50
C ALA B 447 15.87 -14.91 19.83
N ARG B 448 15.49 -14.12 20.82
CA ARG B 448 15.07 -14.67 22.10
C ARG B 448 13.75 -15.46 22.02
N GLU B 449 12.86 -15.17 21.06
CA GLU B 449 11.64 -15.99 20.83
C GLU B 449 12.05 -17.37 20.35
N ILE B 450 13.02 -17.42 19.46
CA ILE B 450 13.57 -18.71 19.04
C ILE B 450 14.25 -19.46 20.21
N LEU B 451 15.10 -18.80 21.00
CA LEU B 451 15.66 -19.43 22.20
C LEU B 451 14.64 -20.11 23.11
N HIS B 452 13.51 -19.46 23.28
CA HIS B 452 12.40 -19.97 24.05
C HIS B 452 11.63 -21.13 23.40
N ALA B 453 11.33 -21.04 22.11
CA ALA B 453 10.78 -22.18 21.35
C ALA B 453 11.69 -23.44 21.40
N MET B 454 13.01 -23.22 21.47
CA MET B 454 13.98 -24.29 21.74
C MET B 454 14.08 -24.77 23.22
N GLY B 455 13.39 -24.11 24.14
CA GLY B 455 13.43 -24.46 25.57
C GLY B 455 14.64 -23.93 26.34
N LYS B 456 15.47 -23.09 25.72
CA LYS B 456 16.67 -22.53 26.38
C LYS B 456 16.46 -21.36 27.36
N ILE B 457 15.32 -20.69 27.28
CA ILE B 457 15.06 -19.58 28.18
C ILE B 457 13.56 -19.57 28.47
N PRO B 458 13.15 -19.04 29.64
CA PRO B 458 11.73 -18.90 29.92
C PRO B 458 11.04 -17.81 29.10
N GLU B 459 9.70 -17.85 29.07
CA GLU B 459 8.88 -16.90 28.34
C GLU B 459 9.09 -15.46 28.80
N ASP B 460 9.36 -15.26 30.09
CA ASP B 460 9.56 -13.91 30.65
C ASP B 460 10.84 -13.19 30.23
N GLU B 461 11.78 -13.91 29.61
CA GLU B 461 13.05 -13.34 29.09
C GLU B 461 13.03 -13.06 27.57
N ILE B 462 11.87 -13.18 26.90
CA ILE B 462 11.73 -12.78 25.48
C ILE B 462 11.87 -11.26 25.30
N TRP B 463 11.22 -10.49 26.15
CA TRP B 463 11.28 -9.07 26.17
C TRP B 463 12.14 -8.65 27.35
N GLN B 464 13.28 -8.04 27.07
CA GLN B 464 14.28 -7.64 28.06
C GLN B 464 14.43 -6.10 28.10
N SER B 465 14.45 -5.53 29.28
CA SER B 465 14.61 -4.10 29.45
C SER B 465 16.10 -3.82 29.24
N GLU B 466 16.49 -2.56 29.03
CA GLU B 466 17.89 -2.21 28.70
C GLU B 466 18.37 -1.16 29.71
N PRO B 467 19.44 -1.41 30.45
CA PRO B 467 19.91 -0.28 31.32
C PRO B 467 20.33 0.97 30.53
N GLU B 468 20.21 2.13 31.15
CA GLU B 468 20.54 3.39 30.52
C GLU B 468 22.04 3.50 30.19
N SER B 469 22.39 3.93 28.97
CA SER B 469 23.78 4.27 28.61
C SER B 469 24.36 5.33 29.60
N VAL B 470 25.61 5.11 30.04
CA VAL B 470 26.32 6.07 30.93
C VAL B 470 26.89 7.20 30.08
N ASP B 471 27.20 6.92 28.83
CA ASP B 471 27.76 7.91 27.89
C ASP B 471 26.73 8.90 27.34
N VAL B 472 25.49 8.44 27.13
CA VAL B 472 24.38 9.24 26.56
C VAL B 472 23.17 9.17 27.51
N PRO B 473 23.30 9.75 28.70
CA PRO B 473 22.16 9.79 29.60
C PRO B 473 21.01 10.69 29.10
N ALA B 474 19.80 10.32 29.47
CA ALA B 474 18.60 11.04 29.11
C ALA B 474 18.15 12.05 30.20
N GLN B 475 18.02 13.32 29.83
CA GLN B 475 17.34 14.29 30.70
C GLN B 475 15.81 14.20 30.53
N PRO B 476 15.06 14.47 31.61
CA PRO B 476 13.59 14.35 31.47
C PRO B 476 12.98 15.40 30.53
N ILE B 477 11.82 15.08 29.96
CA ILE B 477 11.06 16.04 29.14
C ILE B 477 10.15 16.82 30.05
N THR B 478 10.33 18.13 30.07
CA THR B 478 9.56 19.05 30.92
C THR B 478 8.63 19.91 30.05
N THR B 479 7.50 20.30 30.61
CA THR B 479 6.62 21.34 30.05
C THR B 479 6.41 22.44 31.09
N THR B 480 6.16 23.67 30.66
CA THR B 480 5.79 24.76 31.58
C THR B 480 4.30 24.75 31.90
N PHE B 481 3.94 25.52 32.93
CA PHE B 481 2.54 25.65 33.41
C PHE B 481 1.60 26.22 32.31
N LEU B 482 2.01 27.28 31.64
CA LEU B 482 1.25 27.88 30.54
C LEU B 482 1.07 26.93 29.36
N GLU B 483 2.15 26.26 28.99
CA GLU B 483 2.09 25.25 27.95
C GLU B 483 1.01 24.19 28.22
N ARG B 484 0.89 23.75 29.48
CA ARG B 484 -0.11 22.74 29.86
C ARG B 484 -1.55 23.27 29.90
N HIS B 485 -1.76 24.53 30.28
CA HIS B 485 -3.12 25.08 30.56
C HIS B 485 -3.59 26.25 29.65
N LEU B 486 -2.75 26.82 28.80
CA LEU B 486 -3.29 27.78 27.86
C LEU B 486 -4.34 27.08 27.00
N PRO B 487 -5.47 27.76 26.74
CA PRO B 487 -6.48 27.20 25.85
C PRO B 487 -6.07 27.08 24.37
N SER B 488 -6.74 26.18 23.65
CA SER B 488 -6.70 26.15 22.20
C SER B 488 -7.41 27.37 21.57
N VAL B 489 -7.39 27.50 20.25
CA VAL B 489 -8.09 28.61 19.62
C VAL B 489 -9.61 28.48 19.90
N PRO B 490 -10.28 27.35 19.53
CA PRO B 490 -11.70 27.17 19.87
C PRO B 490 -12.04 27.24 21.36
N GLY B 491 -11.07 26.91 22.21
CA GLY B 491 -11.23 27.08 23.67
C GLY B 491 -11.20 28.53 24.14
N LEU B 492 -10.37 29.34 23.49
CA LEU B 492 -10.41 30.80 23.68
C LEU B 492 -11.74 31.38 23.13
N LEU B 493 -12.28 30.80 22.04
CA LEU B 493 -13.60 31.22 21.50
C LEU B 493 -14.76 30.91 22.43
N ARG B 494 -14.83 29.70 22.97
CA ARG B 494 -15.86 29.33 23.97
C ARG B 494 -15.89 30.26 25.19
N LEU B 495 -14.73 30.72 25.64
CA LEU B 495 -14.66 31.83 26.64
C LEU B 495 -15.20 33.22 26.16
N ILE B 496 -15.68 33.32 24.93
CA ILE B 496 -16.15 34.59 24.31
C ILE B 496 -17.54 34.43 23.65
#